data_3UM2
#
_entry.id   3UM2
#
_cell.length_a   69.218
_cell.length_b   111.360
_cell.length_c   116.039
_cell.angle_alpha   90.00
_cell.angle_beta   90.00
_cell.angle_gamma   90.00
#
_symmetry.space_group_name_H-M   'P 21 21 21'
#
loop_
_entity.id
_entity.type
_entity.pdbx_description
1 polymer 'BRO1 domain-containing protein BROX'
2 polymer 'Charged multivesicular body protein 5'
3 non-polymer GLYCEROL
4 water water
#
loop_
_entity_poly.entity_id
_entity_poly.type
_entity_poly.pdbx_seq_one_letter_code
_entity_poly.pdbx_strand_id
1 'polypeptide(L)'
;THWFHRNPLKATAPVSFNYYGVVTGPSASKICNDLRSSRARLLELFTDLSCNPEMMKNAADSYFSLLQGFINSLDESTQE
SKLRYIQNFKWTDTLQGQVPSAQQDAVFELISMGFNVALWYTKYASRLAGKENITEDEAKEVHRSLKIAAGIFKHLKESH
LPKLITPAEKGRDLESRLIEAYVIQCQAEAQEVTIARAIELKHAPGLIAALAYETANFYQKADHTLSSLEPAYSAKWRKY
LHLKMCFYTAYAYCYHGETLLASDKCGEAIRSLQEAEKLYAKAEALCKEYGETKGPGPTVKPSGHLFFRKLGNLVKNTLE
KCQRENGFIYFQKIPTEAPQLELKANYGLVEPIPFEFPPTSVQWTPETLAAFDLTK
;
A,D
2 'polypeptide(L)' TKNKDGVLVDEFGLPQIPAS B,E
#
loop_
_chem_comp.id
_chem_comp.type
_chem_comp.name
_chem_comp.formula
GOL non-polymer GLYCEROL 'C3 H8 O3'
#
# COMPACT_ATOMS: atom_id res chain seq x y z
N THR A 1 17.48 -9.52 23.04
CA THR A 1 17.77 -10.85 22.54
C THR A 1 16.50 -11.57 22.07
N HIS A 2 16.61 -12.32 20.98
CA HIS A 2 15.46 -13.00 20.40
C HIS A 2 15.11 -14.33 21.06
N TRP A 3 13.81 -14.63 21.08
CA TRP A 3 13.31 -15.89 21.62
C TRP A 3 12.30 -16.47 20.63
N PHE A 4 12.60 -17.64 20.07
CA PHE A 4 11.71 -18.28 19.11
C PHE A 4 11.34 -19.69 19.58
N HIS A 5 10.05 -19.97 19.73
CA HIS A 5 9.63 -21.31 20.14
C HIS A 5 9.95 -22.35 19.08
N ARG A 6 10.46 -23.50 19.53
CA ARG A 6 10.89 -24.55 18.61
C ARG A 6 10.32 -25.92 18.95
N ASN A 7 9.59 -26.51 18.00
CA ASN A 7 9.15 -27.89 18.11
C ASN A 7 10.32 -28.83 17.78
N PRO A 8 10.28 -30.05 18.33
CA PRO A 8 11.38 -31.02 18.14
C PRO A 8 11.62 -31.42 16.68
N LEU A 9 12.86 -31.79 16.37
CA LEU A 9 13.25 -32.34 15.07
C LEU A 9 12.59 -33.69 14.78
N LYS A 10 12.31 -33.95 13.51
CA LYS A 10 11.76 -35.24 13.11
C LYS A 10 12.84 -36.32 13.20
N ALA A 11 12.41 -37.53 13.55
CA ALA A 11 13.33 -38.66 13.66
C ALA A 11 12.95 -39.76 12.66
N THR A 12 13.94 -40.52 12.22
CA THR A 12 13.65 -41.58 11.29
C THR A 12 14.44 -42.86 11.58
N ALA A 13 13.92 -43.98 11.10
CA ALA A 13 14.62 -45.26 11.19
C ALA A 13 15.60 -45.35 10.02
N PRO A 14 16.74 -46.02 10.24
CA PRO A 14 17.77 -46.14 9.22
C PRO A 14 17.31 -46.94 7.99
N VAL A 15 17.90 -46.67 6.84
CA VAL A 15 17.57 -47.37 5.61
C VAL A 15 18.86 -47.82 4.94
N SER A 16 19.01 -49.14 4.79
CA SER A 16 20.22 -49.68 4.18
C SER A 16 20.22 -49.57 2.66
N PHE A 17 19.02 -49.55 2.08
CA PHE A 17 18.86 -49.57 0.63
C PHE A 17 19.40 -50.86 0.04
N ASN A 18 19.23 -51.95 0.77
CA ASN A 18 19.73 -53.25 0.34
C ASN A 18 18.61 -54.10 -0.24
N TYR A 19 18.61 -54.25 -1.55
CA TYR A 19 17.58 -55.01 -2.25
C TYR A 19 17.97 -56.43 -2.69
N TYR A 20 19.19 -56.84 -2.36
CA TYR A 20 19.64 -58.20 -2.63
C TYR A 20 19.56 -58.59 -4.10
N GLY A 21 18.76 -59.62 -4.40
CA GLY A 21 18.64 -60.13 -5.75
C GLY A 21 18.15 -59.12 -6.76
N VAL A 22 17.34 -58.17 -6.31
CA VAL A 22 16.78 -57.15 -7.19
C VAL A 22 17.87 -56.35 -7.90
N VAL A 23 18.89 -55.98 -7.15
CA VAL A 23 19.98 -55.15 -7.68
C VAL A 23 21.10 -55.98 -8.27
N THR A 24 21.36 -55.79 -9.57
CA THR A 24 22.51 -56.43 -10.20
C THR A 24 23.49 -55.36 -10.70
N GLY A 25 24.65 -55.79 -11.17
CA GLY A 25 25.63 -54.87 -11.71
C GLY A 25 26.33 -54.04 -10.64
N PRO A 26 27.48 -53.47 -10.99
CA PRO A 26 28.21 -52.58 -10.07
C PRO A 26 27.51 -51.24 -9.86
N SER A 27 26.93 -50.70 -10.93
CA SER A 27 26.36 -49.35 -10.89
C SER A 27 25.11 -49.23 -10.03
N ALA A 28 24.26 -50.24 -10.05
CA ALA A 28 23.04 -50.23 -9.24
C ALA A 28 23.38 -50.35 -7.76
N SER A 29 24.24 -51.30 -7.43
CA SER A 29 24.63 -51.51 -6.05
C SER A 29 25.50 -50.37 -5.51
N LYS A 30 26.16 -49.65 -6.42
CA LYS A 30 26.92 -48.46 -6.05
C LYS A 30 25.96 -47.34 -5.64
N ILE A 31 24.98 -47.11 -6.50
CA ILE A 31 23.91 -46.16 -6.24
C ILE A 31 23.24 -46.43 -4.89
N CYS A 32 23.09 -47.71 -4.54
CA CYS A 32 22.47 -48.09 -3.27
C CYS A 32 23.36 -47.76 -2.08
N ASN A 33 24.68 -47.85 -2.25
CA ASN A 33 25.60 -47.47 -1.19
C ASN A 33 25.72 -45.95 -1.09
N ASP A 34 25.55 -45.27 -2.22
CA ASP A 34 25.58 -43.82 -2.23
C ASP A 34 24.37 -43.25 -1.49
N LEU A 35 23.22 -43.90 -1.66
CA LEU A 35 22.03 -43.52 -0.92
C LEU A 35 22.22 -43.80 0.56
N ARG A 36 22.70 -44.99 0.88
CA ARG A 36 22.85 -45.39 2.27
C ARG A 36 23.73 -44.40 3.04
N SER A 37 24.88 -44.08 2.47
CA SER A 37 25.84 -43.21 3.15
C SER A 37 25.43 -41.74 3.13
N SER A 38 24.86 -41.29 2.02
CA SER A 38 24.47 -39.89 1.92
C SER A 38 23.32 -39.56 2.88
N ARG A 39 22.37 -40.48 3.01
CA ARG A 39 21.27 -40.32 3.95
C ARG A 39 21.81 -40.35 5.38
N ALA A 40 22.66 -41.33 5.67
CA ALA A 40 23.25 -41.45 6.99
C ALA A 40 23.96 -40.16 7.39
N ARG A 41 24.76 -39.61 6.48
CA ARG A 41 25.49 -38.38 6.74
C ARG A 41 24.55 -37.19 6.99
N LEU A 42 23.51 -37.08 6.16
CA LEU A 42 22.55 -36.00 6.30
C LEU A 42 21.86 -36.05 7.66
N LEU A 43 21.55 -37.26 8.12
CA LEU A 43 20.93 -37.44 9.44
C LEU A 43 21.89 -37.09 10.58
N GLU A 44 23.17 -37.42 10.42
CA GLU A 44 24.16 -37.08 11.43
C GLU A 44 24.20 -35.58 11.71
N LEU A 45 24.10 -34.78 10.64
CA LEU A 45 24.25 -33.33 10.75
C LEU A 45 23.16 -32.62 11.54
N PHE A 46 21.93 -33.11 11.46
CA PHE A 46 20.80 -32.45 12.13
C PHE A 46 21.09 -32.16 13.60
N THR A 47 21.77 -33.09 14.26
CA THR A 47 22.10 -32.94 15.67
C THR A 47 23.51 -32.42 15.93
N ASP A 48 24.27 -32.14 14.87
CA ASP A 48 25.67 -31.76 15.04
C ASP A 48 25.84 -30.24 15.12
N LEU A 49 26.20 -29.76 16.30
CA LEU A 49 26.23 -28.32 16.57
C LEU A 49 27.24 -27.58 15.71
N SER A 50 28.18 -28.33 15.12
CA SER A 50 29.25 -27.72 14.34
C SER A 50 28.81 -27.49 12.90
N CYS A 51 27.56 -27.83 12.60
CA CYS A 51 27.08 -27.80 11.22
C CYS A 51 26.62 -26.41 10.80
N ASN A 52 27.18 -25.91 9.70
CA ASN A 52 26.72 -24.67 9.10
C ASN A 52 25.87 -24.90 7.84
N PRO A 53 25.30 -23.84 7.27
CA PRO A 53 24.46 -23.96 6.07
C PRO A 53 25.18 -24.54 4.86
N GLU A 54 26.42 -24.14 4.63
CA GLU A 54 27.16 -24.68 3.51
C GLU A 54 27.30 -26.21 3.63
N MET A 55 27.41 -26.70 4.86
CA MET A 55 27.52 -28.13 5.10
C MET A 55 26.16 -28.81 4.91
N MET A 56 25.11 -28.14 5.34
CA MET A 56 23.78 -28.70 5.25
C MET A 56 23.34 -28.76 3.80
N LYS A 57 23.71 -27.73 3.04
CA LYS A 57 23.32 -27.66 1.64
C LYS A 57 23.95 -28.78 0.82
N ASN A 58 25.26 -28.93 0.94
CA ASN A 58 25.96 -29.93 0.14
C ASN A 58 25.49 -31.35 0.45
N ALA A 59 25.25 -31.63 1.72
CA ALA A 59 24.78 -32.95 2.12
C ALA A 59 23.37 -33.20 1.56
N ALA A 60 22.44 -32.31 1.91
CA ALA A 60 21.06 -32.46 1.45
C ALA A 60 21.01 -32.61 -0.06
N ASP A 61 21.68 -31.70 -0.77
CA ASP A 61 21.73 -31.75 -2.23
C ASP A 61 22.22 -33.11 -2.74
N SER A 62 23.26 -33.63 -2.11
CA SER A 62 23.85 -34.89 -2.54
C SER A 62 22.83 -36.03 -2.41
N TYR A 63 22.26 -36.17 -1.23
CA TYR A 63 21.25 -37.18 -0.98
C TYR A 63 20.02 -37.01 -1.87
N PHE A 64 19.46 -35.81 -1.89
CA PHE A 64 18.24 -35.54 -2.63
C PHE A 64 18.35 -35.87 -4.11
N SER A 65 19.48 -35.56 -4.72
CA SER A 65 19.64 -35.80 -6.15
C SER A 65 19.64 -37.31 -6.44
N LEU A 66 20.17 -38.09 -5.51
CA LEU A 66 20.17 -39.55 -5.62
C LEU A 66 18.78 -40.13 -5.37
N LEU A 67 18.10 -39.62 -4.35
CA LEU A 67 16.74 -40.04 -4.03
C LEU A 67 15.77 -39.78 -5.18
N GLN A 68 16.05 -38.75 -5.97
CA GLN A 68 15.19 -38.37 -7.10
C GLN A 68 15.04 -39.51 -8.10
N GLY A 69 16.01 -40.43 -8.10
CA GLY A 69 15.91 -41.61 -8.92
C GLY A 69 14.65 -42.41 -8.61
N PHE A 70 14.31 -42.50 -7.32
CA PHE A 70 13.12 -43.23 -6.90
C PHE A 70 11.82 -42.50 -7.23
N ILE A 71 11.92 -41.28 -7.75
CA ILE A 71 10.73 -40.44 -7.93
C ILE A 71 10.46 -40.03 -9.38
N ASN A 72 11.38 -39.26 -9.97
CA ASN A 72 11.23 -38.83 -11.36
C ASN A 72 11.62 -39.88 -12.38
N SER A 73 11.07 -39.75 -13.60
CA SER A 73 11.45 -40.60 -14.72
C SER A 73 12.64 -40.00 -15.46
N LEU A 74 13.52 -40.85 -15.97
CA LEU A 74 14.68 -40.40 -16.75
C LEU A 74 14.34 -40.12 -18.23
N ASP A 75 13.56 -41.01 -18.82
CA ASP A 75 13.33 -41.04 -20.27
C ASP A 75 12.37 -39.95 -20.75
N GLU A 76 11.78 -39.26 -19.79
CA GLU A 76 10.60 -38.43 -20.00
C GLU A 76 9.53 -39.27 -20.72
N SER A 77 8.69 -38.68 -21.56
CA SER A 77 7.68 -39.50 -22.25
C SER A 77 7.18 -40.56 -21.27
N THR A 78 6.90 -40.14 -20.04
CA THR A 78 6.47 -41.02 -18.96
C THR A 78 6.24 -40.15 -17.72
N GLN A 79 5.43 -40.65 -16.79
CA GLN A 79 5.08 -39.87 -15.60
C GLN A 79 6.17 -39.91 -14.53
N GLU A 80 6.67 -41.10 -14.21
CA GLU A 80 7.47 -41.27 -13.00
C GLU A 80 8.38 -42.48 -13.02
N SER A 81 9.03 -42.70 -11.88
CA SER A 81 9.96 -43.79 -11.67
C SER A 81 9.28 -45.07 -11.17
N LYS A 82 9.77 -46.20 -11.67
CA LYS A 82 9.27 -47.52 -11.31
C LYS A 82 9.69 -47.91 -9.90
N LEU A 83 10.54 -47.09 -9.28
CA LEU A 83 11.07 -47.39 -7.96
C LEU A 83 10.34 -46.72 -6.80
N ARG A 84 9.35 -45.90 -7.10
CA ARG A 84 8.73 -45.06 -6.09
C ARG A 84 8.21 -45.83 -4.88
N TYR A 85 7.64 -46.99 -5.13
CA TYR A 85 7.02 -47.80 -4.08
C TYR A 85 7.89 -48.93 -3.54
N ILE A 86 9.15 -48.96 -3.94
CA ILE A 86 10.06 -50.06 -3.58
C ILE A 86 10.50 -50.09 -2.11
N GLN A 87 10.44 -48.94 -1.42
CA GLN A 87 11.03 -48.85 -0.09
C GLN A 87 10.09 -48.24 0.95
N ASN A 88 10.05 -48.83 2.14
CA ASN A 88 9.24 -48.30 3.24
C ASN A 88 10.04 -47.35 4.13
N PHE A 89 9.50 -46.14 4.32
CA PHE A 89 10.15 -45.15 5.17
C PHE A 89 9.32 -44.86 6.42
N LYS A 90 10.02 -44.66 7.55
CA LYS A 90 9.35 -44.46 8.84
C LYS A 90 9.84 -43.18 9.54
N TRP A 91 8.91 -42.26 9.81
CA TRP A 91 9.24 -40.94 10.36
C TRP A 91 8.37 -40.55 11.56
N THR A 92 8.93 -39.72 12.44
CA THR A 92 8.11 -39.10 13.48
C THR A 92 7.68 -37.71 13.04
N ASP A 93 6.84 -37.06 13.83
CA ASP A 93 6.32 -35.75 13.51
C ASP A 93 6.55 -34.78 14.66
N THR A 94 6.70 -33.51 14.34
CA THR A 94 7.09 -32.50 15.33
C THR A 94 6.13 -32.45 16.50
N LEU A 95 4.84 -32.56 16.22
CA LEU A 95 3.80 -32.44 17.25
C LEU A 95 3.31 -33.76 17.86
N GLN A 96 3.72 -34.88 17.27
CA GLN A 96 3.15 -36.17 17.66
C GLN A 96 3.94 -37.01 18.68
N GLY A 97 5.00 -36.44 19.23
CA GLY A 97 5.80 -37.14 20.22
C GLY A 97 6.66 -38.26 19.66
N GLN A 98 6.58 -39.43 20.28
CA GLN A 98 7.42 -40.56 19.88
C GLN A 98 6.76 -41.46 18.86
N VAL A 99 5.48 -41.24 18.57
CA VAL A 99 4.77 -42.12 17.66
C VAL A 99 5.11 -41.86 16.19
N PRO A 100 5.69 -42.87 15.54
CA PRO A 100 6.11 -42.74 14.14
C PRO A 100 4.95 -42.96 13.19
N SER A 101 5.25 -42.82 11.91
CA SER A 101 4.30 -43.05 10.84
C SER A 101 5.11 -43.49 9.63
N ALA A 102 4.53 -44.37 8.82
CA ALA A 102 5.27 -44.95 7.71
C ALA A 102 4.47 -45.06 6.42
N GLN A 103 5.14 -44.81 5.30
CA GLN A 103 4.57 -45.02 3.98
C GLN A 103 5.67 -45.60 3.12
N GLN A 104 5.33 -46.54 2.24
CA GLN A 104 6.36 -46.99 1.35
C GLN A 104 6.10 -46.22 0.08
N ASP A 105 6.74 -45.06 0.02
CA ASP A 105 6.61 -44.12 -1.07
C ASP A 105 7.89 -43.31 -1.00
N ALA A 106 8.50 -43.01 -2.14
CA ALA A 106 9.75 -42.25 -2.11
C ALA A 106 9.43 -40.79 -1.81
N VAL A 107 8.26 -40.34 -2.27
CA VAL A 107 7.85 -38.96 -2.11
C VAL A 107 7.61 -38.61 -0.63
N PHE A 108 7.16 -39.60 0.14
CA PHE A 108 7.01 -39.45 1.58
C PHE A 108 8.36 -39.22 2.27
N GLU A 109 9.39 -39.95 1.83
CA GLU A 109 10.74 -39.72 2.32
C GLU A 109 11.24 -38.34 1.89
N LEU A 110 11.01 -38.00 0.64
CA LEU A 110 11.46 -36.73 0.09
C LEU A 110 10.92 -35.55 0.90
N ILE A 111 9.62 -35.58 1.18
CA ILE A 111 8.97 -34.48 1.88
C ILE A 111 9.32 -34.45 3.35
N SER A 112 9.41 -35.63 3.96
CA SER A 112 9.76 -35.73 5.39
C SER A 112 11.17 -35.21 5.64
N MET A 113 12.12 -35.64 4.82
CA MET A 113 13.51 -35.23 4.96
C MET A 113 13.67 -33.74 4.64
N GLY A 114 13.01 -33.28 3.58
CA GLY A 114 13.07 -31.87 3.22
C GLY A 114 12.52 -31.02 4.34
N PHE A 115 11.44 -31.49 4.94
CA PHE A 115 10.81 -30.83 6.08
C PHE A 115 11.83 -30.67 7.21
N ASN A 116 12.54 -31.75 7.52
CA ASN A 116 13.54 -31.70 8.57
C ASN A 116 14.68 -30.72 8.27
N VAL A 117 15.07 -30.63 7.01
CA VAL A 117 16.12 -29.70 6.60
C VAL A 117 15.61 -28.27 6.78
N ALA A 118 14.35 -28.05 6.44
CA ALA A 118 13.73 -26.75 6.71
C ALA A 118 13.78 -26.48 8.22
N LEU A 119 13.42 -27.48 9.02
CA LEU A 119 13.46 -27.35 10.46
C LEU A 119 14.86 -27.01 10.95
N TRP A 120 15.86 -27.70 10.39
CA TRP A 120 17.22 -27.47 10.84
C TRP A 120 17.62 -26.00 10.62
N TYR A 121 17.19 -25.43 9.50
CA TYR A 121 17.51 -24.04 9.18
C TYR A 121 16.94 -23.07 10.19
N THR A 122 15.73 -23.35 10.66
CA THR A 122 15.10 -22.48 11.65
C THR A 122 15.73 -22.62 13.03
N LYS A 123 16.28 -23.79 13.33
CA LYS A 123 16.92 -24.04 14.61
C LYS A 123 18.32 -23.44 14.63
N TYR A 124 19.00 -23.54 13.50
CA TYR A 124 20.28 -22.88 13.33
C TYR A 124 20.12 -21.39 13.61
N ALA A 125 19.11 -20.81 12.97
CA ALA A 125 18.82 -19.39 13.11
C ALA A 125 18.48 -19.00 14.55
N SER A 126 17.57 -19.74 15.18
CA SER A 126 17.14 -19.41 16.54
C SER A 126 18.30 -19.50 17.53
N ARG A 127 19.14 -20.52 17.35
CA ARG A 127 20.37 -20.67 18.13
C ARG A 127 21.20 -19.41 18.02
N LEU A 128 21.43 -18.97 16.79
CA LEU A 128 22.27 -17.82 16.52
C LEU A 128 21.61 -16.49 16.90
N ALA A 129 20.29 -16.42 16.79
CA ALA A 129 19.58 -15.18 17.12
C ALA A 129 19.48 -14.98 18.63
N GLY A 130 19.89 -15.98 19.39
CA GLY A 130 19.83 -15.91 20.85
C GLY A 130 21.07 -15.35 21.52
N LYS A 131 22.10 -15.05 20.74
CA LYS A 131 23.31 -14.41 21.27
C LYS A 131 23.04 -12.97 21.71
N GLU A 132 23.77 -12.53 22.73
CA GLU A 132 23.72 -11.14 23.15
C GLU A 132 24.59 -10.25 22.27
N ASN A 133 25.77 -10.75 21.91
CA ASN A 133 26.73 -9.95 21.15
C ASN A 133 26.33 -9.68 19.70
N ILE A 134 25.27 -10.34 19.24
CA ILE A 134 25.14 -10.66 17.82
C ILE A 134 25.46 -9.50 16.89
N THR A 135 26.28 -9.77 15.88
CA THR A 135 26.72 -8.74 14.94
C THR A 135 25.79 -8.65 13.73
N GLU A 136 26.07 -7.69 12.87
CA GLU A 136 25.20 -7.44 11.72
C GLU A 136 25.23 -8.61 10.74
N ASP A 137 26.40 -9.19 10.54
CA ASP A 137 26.54 -10.33 9.64
C ASP A 137 25.74 -11.51 10.16
N GLU A 138 25.84 -11.78 11.45
CA GLU A 138 25.09 -12.87 12.05
C GLU A 138 23.59 -12.64 11.88
N ALA A 139 23.17 -11.41 12.13
CA ALA A 139 21.77 -11.04 11.97
C ALA A 139 21.29 -11.36 10.56
N LYS A 140 22.08 -11.01 9.56
CA LYS A 140 21.70 -11.27 8.18
C LYS A 140 21.59 -12.78 7.96
N GLU A 141 22.48 -13.54 8.58
CA GLU A 141 22.51 -14.98 8.44
C GLU A 141 21.26 -15.64 9.02
N VAL A 142 20.75 -15.11 10.13
CA VAL A 142 19.52 -15.61 10.73
C VAL A 142 18.36 -15.30 9.82
N HIS A 143 18.25 -14.02 9.46
CA HIS A 143 17.26 -13.51 8.52
C HIS A 143 17.23 -14.37 7.26
N ARG A 144 18.42 -14.66 6.72
CA ARG A 144 18.49 -15.43 5.48
C ARG A 144 18.10 -16.90 5.68
N SER A 145 18.63 -17.52 6.73
CA SER A 145 18.30 -18.91 7.03
C SER A 145 16.78 -19.09 7.14
N LEU A 146 16.12 -18.11 7.75
CA LEU A 146 14.67 -18.19 7.92
C LEU A 146 13.95 -18.11 6.58
N LYS A 147 14.44 -17.26 5.68
CA LYS A 147 13.84 -17.15 4.36
C LYS A 147 14.02 -18.43 3.55
N ILE A 148 15.15 -19.11 3.74
CA ILE A 148 15.39 -20.36 3.05
C ILE A 148 14.41 -21.43 3.52
N ALA A 149 14.29 -21.56 4.84
CA ALA A 149 13.36 -22.53 5.41
C ALA A 149 11.96 -22.30 4.86
N ALA A 150 11.51 -21.04 4.91
CA ALA A 150 10.20 -20.68 4.39
C ALA A 150 9.96 -21.19 2.97
N GLY A 151 10.95 -21.00 2.10
CA GLY A 151 10.83 -21.37 0.70
C GLY A 151 10.77 -22.88 0.53
N ILE A 152 11.59 -23.59 1.30
CA ILE A 152 11.56 -25.04 1.29
C ILE A 152 10.19 -25.56 1.70
N PHE A 153 9.67 -25.01 2.80
CA PHE A 153 8.35 -25.39 3.30
C PHE A 153 7.29 -25.16 2.23
N LYS A 154 7.28 -23.95 1.68
CA LYS A 154 6.30 -23.57 0.66
C LYS A 154 6.35 -24.49 -0.55
N HIS A 155 7.56 -24.92 -0.92
CA HIS A 155 7.74 -25.77 -2.08
C HIS A 155 7.21 -27.18 -1.84
N LEU A 156 7.44 -27.70 -0.64
CA LEU A 156 6.90 -29.00 -0.28
C LEU A 156 5.38 -28.98 -0.39
N LYS A 157 4.78 -27.93 0.15
CA LYS A 157 3.34 -27.79 0.20
C LYS A 157 2.70 -27.66 -1.19
N GLU A 158 3.29 -26.83 -2.04
CA GLU A 158 2.70 -26.56 -3.35
C GLU A 158 3.00 -27.63 -4.42
N SER A 159 4.25 -28.04 -4.53
CA SER A 159 4.65 -28.96 -5.61
C SER A 159 4.68 -30.44 -5.24
N HIS A 160 4.59 -30.75 -3.95
CA HIS A 160 4.86 -32.12 -3.49
C HIS A 160 3.71 -32.81 -2.75
N LEU A 161 3.24 -32.20 -1.66
CA LEU A 161 2.12 -32.76 -0.90
C LEU A 161 1.01 -33.35 -1.78
N PRO A 162 0.63 -32.65 -2.85
CA PRO A 162 -0.43 -33.20 -3.70
C PRO A 162 -0.11 -34.59 -4.27
N LYS A 163 1.17 -34.95 -4.35
CA LYS A 163 1.59 -36.21 -4.97
C LYS A 163 1.43 -37.44 -4.08
N LEU A 164 1.56 -37.28 -2.76
CA LEU A 164 1.43 -38.42 -1.86
C LEU A 164 0.11 -39.17 -2.11
N ILE A 165 0.20 -40.49 -2.13
CA ILE A 165 -0.96 -41.35 -2.34
C ILE A 165 -1.81 -41.48 -1.06
N THR A 166 -1.14 -41.46 0.08
CA THR A 166 -1.82 -41.51 1.38
C THR A 166 -2.44 -40.15 1.72
N PRO A 167 -3.75 -40.12 1.98
CA PRO A 167 -4.37 -38.85 2.37
C PRO A 167 -3.74 -38.30 3.65
N ALA A 168 -3.65 -36.97 3.74
CA ALA A 168 -3.00 -36.31 4.87
C ALA A 168 -3.74 -36.55 6.18
N GLU A 169 -2.98 -36.65 7.26
CA GLU A 169 -3.54 -36.91 8.59
C GLU A 169 -3.42 -35.69 9.51
N LYS A 170 -4.56 -35.17 9.96
CA LYS A 170 -4.57 -34.02 10.85
C LYS A 170 -3.72 -34.27 12.10
N GLY A 171 -2.79 -33.35 12.37
CA GLY A 171 -1.88 -33.47 13.49
C GLY A 171 -0.45 -33.78 13.07
N ARG A 172 -0.26 -34.17 11.82
CA ARG A 172 1.07 -34.55 11.35
C ARG A 172 1.68 -33.53 10.39
N ASP A 173 3.01 -33.48 10.37
CA ASP A 173 3.74 -32.47 9.60
C ASP A 173 3.37 -32.41 8.12
N LEU A 174 2.86 -33.51 7.60
CA LEU A 174 2.64 -33.65 6.15
C LEU A 174 1.30 -33.15 5.60
N GLU A 175 0.59 -32.33 6.37
CA GLU A 175 -0.66 -31.74 5.87
C GLU A 175 -0.56 -30.22 5.61
N SER A 176 -1.43 -29.72 4.75
CA SER A 176 -1.39 -28.33 4.30
C SER A 176 -1.33 -27.27 5.38
N ARG A 177 -2.31 -27.29 6.28
CA ARG A 177 -2.41 -26.26 7.32
C ARG A 177 -1.12 -26.16 8.14
N LEU A 178 -0.58 -27.31 8.51
CA LEU A 178 0.58 -27.34 9.40
C LEU A 178 1.82 -26.75 8.75
N ILE A 179 2.07 -27.10 7.49
CA ILE A 179 3.20 -26.54 6.76
C ILE A 179 2.97 -25.05 6.55
N GLU A 180 1.72 -24.68 6.30
CA GLU A 180 1.39 -23.29 6.12
C GLU A 180 1.78 -22.49 7.36
N ALA A 181 1.45 -23.03 8.53
CA ALA A 181 1.82 -22.39 9.79
C ALA A 181 3.32 -22.13 9.82
N TYR A 182 4.09 -23.12 9.40
CA TYR A 182 5.55 -23.01 9.40
C TYR A 182 6.06 -21.91 8.47
N VAL A 183 5.54 -21.86 7.25
CA VAL A 183 5.91 -20.83 6.31
C VAL A 183 5.70 -19.45 6.92
N ILE A 184 4.50 -19.21 7.43
CA ILE A 184 4.14 -17.94 8.02
C ILE A 184 5.05 -17.58 9.19
N GLN A 185 5.26 -18.53 10.10
CA GLN A 185 6.11 -18.29 11.25
C GLN A 185 7.52 -17.84 10.84
N CYS A 186 8.13 -18.57 9.91
CA CYS A 186 9.45 -18.20 9.38
C CYS A 186 9.52 -16.75 8.90
N GLN A 187 8.55 -16.36 8.08
CA GLN A 187 8.47 -14.98 7.63
C GLN A 187 8.33 -14.05 8.82
N ALA A 188 7.43 -14.40 9.74
CA ALA A 188 7.21 -13.58 10.94
C ALA A 188 8.51 -13.39 11.70
N GLU A 189 9.25 -14.47 11.86
CA GLU A 189 10.49 -14.44 12.62
C GLU A 189 11.57 -13.59 11.95
N ALA A 190 11.70 -13.70 10.63
CA ALA A 190 12.66 -12.87 9.92
C ALA A 190 12.33 -11.40 10.14
N GLN A 191 11.04 -11.10 10.20
CA GLN A 191 10.62 -9.72 10.40
C GLN A 191 10.92 -9.21 11.82
N GLU A 192 10.86 -10.10 12.81
CA GLU A 192 11.22 -9.75 14.18
C GLU A 192 12.64 -9.25 14.20
N VAL A 193 13.50 -9.89 13.40
CA VAL A 193 14.90 -9.52 13.33
C VAL A 193 15.03 -8.13 12.72
N THR A 194 14.25 -7.87 11.67
CA THR A 194 14.31 -6.59 10.98
C THR A 194 13.79 -5.48 11.89
N ILE A 195 12.70 -5.75 12.59
CA ILE A 195 12.15 -4.80 13.53
C ILE A 195 13.18 -4.42 14.59
N ALA A 196 13.83 -5.42 15.18
CA ALA A 196 14.86 -5.17 16.18
C ALA A 196 15.96 -4.28 15.63
N ARG A 197 16.28 -4.46 14.35
CA ARG A 197 17.31 -3.65 13.71
C ARG A 197 16.83 -2.23 13.48
N ALA A 198 15.59 -2.10 13.00
CA ALA A 198 15.02 -0.78 12.73
C ALA A 198 15.04 0.09 13.97
N ILE A 199 14.78 -0.52 15.11
CA ILE A 199 14.76 0.21 16.38
C ILE A 199 16.16 0.64 16.78
N GLU A 200 17.14 -0.23 16.54
CA GLU A 200 18.53 0.08 16.86
C GLU A 200 19.06 1.23 15.99
N LEU A 201 18.63 1.26 14.74
CA LEU A 201 19.11 2.25 13.78
C LEU A 201 18.27 3.52 13.82
N LYS A 202 17.30 3.57 14.74
CA LYS A 202 16.51 4.77 14.94
C LYS A 202 15.73 5.14 13.69
N HIS A 203 15.13 4.15 13.04
CA HIS A 203 14.28 4.40 11.89
C HIS A 203 12.97 5.10 12.29
N ALA A 204 12.32 5.72 11.33
CA ALA A 204 11.10 6.47 11.58
C ALA A 204 10.09 5.58 12.29
N PRO A 205 9.29 6.17 13.21
CA PRO A 205 8.31 5.44 14.00
C PRO A 205 7.23 4.76 13.15
N GLY A 206 6.77 5.47 12.11
CA GLY A 206 5.74 4.92 11.25
C GLY A 206 6.18 3.62 10.59
N LEU A 207 7.43 3.61 10.14
CA LEU A 207 8.02 2.44 9.53
C LEU A 207 7.96 1.27 10.51
N ILE A 208 8.52 1.47 11.70
CA ILE A 208 8.54 0.44 12.73
C ILE A 208 7.12 -0.03 13.12
N ALA A 209 6.23 0.92 13.39
CA ALA A 209 4.85 0.61 13.76
C ALA A 209 4.18 -0.27 12.72
N ALA A 210 4.44 0.01 11.45
CA ALA A 210 3.78 -0.71 10.37
C ALA A 210 4.33 -2.14 10.25
N LEU A 211 5.63 -2.30 10.45
CA LEU A 211 6.26 -3.61 10.36
C LEU A 211 5.86 -4.48 11.56
N ALA A 212 5.85 -3.89 12.76
CA ALA A 212 5.37 -4.57 13.94
C ALA A 212 3.92 -5.04 13.73
N TYR A 213 3.10 -4.14 13.18
CA TYR A 213 1.70 -4.46 12.91
C TYR A 213 1.54 -5.64 11.94
N GLU A 214 2.30 -5.62 10.85
CA GLU A 214 2.23 -6.69 9.85
C GLU A 214 2.71 -8.00 10.46
N THR A 215 3.77 -7.90 11.27
CA THR A 215 4.31 -9.07 11.91
C THR A 215 3.28 -9.70 12.84
N ALA A 216 2.51 -8.87 13.53
CA ALA A 216 1.45 -9.37 14.41
C ALA A 216 0.36 -10.07 13.61
N ASN A 217 -0.02 -9.51 12.47
CA ASN A 217 -1.02 -10.15 11.60
C ASN A 217 -0.58 -11.52 11.11
N PHE A 218 0.72 -11.72 10.90
CA PHE A 218 1.22 -13.02 10.46
C PHE A 218 1.01 -14.03 11.57
N TYR A 219 1.38 -13.66 12.79
CA TYR A 219 1.17 -14.50 13.96
C TYR A 219 -0.30 -14.85 14.18
N GLN A 220 -1.18 -13.90 13.90
CA GLN A 220 -2.61 -14.13 14.03
C GLN A 220 -3.05 -15.08 12.92
N LYS A 221 -2.42 -14.98 11.77
CA LYS A 221 -2.75 -15.84 10.65
C LYS A 221 -2.29 -17.28 10.90
N ALA A 222 -1.05 -17.43 11.34
CA ALA A 222 -0.51 -18.76 11.65
C ALA A 222 -1.39 -19.44 12.70
N ASP A 223 -1.66 -18.70 13.77
CA ASP A 223 -2.48 -19.20 14.87
C ASP A 223 -3.88 -19.64 14.43
N HIS A 224 -4.46 -18.92 13.48
CA HIS A 224 -5.76 -19.29 12.96
C HIS A 224 -5.66 -20.53 12.07
N THR A 225 -4.58 -20.62 11.31
CA THR A 225 -4.34 -21.77 10.45
C THR A 225 -4.31 -23.07 11.25
N LEU A 226 -3.82 -22.99 12.48
CA LEU A 226 -3.69 -24.17 13.33
C LEU A 226 -4.94 -24.41 14.18
N SER A 227 -5.90 -23.50 14.08
CA SER A 227 -7.07 -23.52 14.96
C SER A 227 -7.87 -24.82 14.86
N SER A 228 -7.79 -25.49 13.71
CA SER A 228 -8.57 -26.71 13.51
C SER A 228 -7.88 -27.96 14.09
N LEU A 229 -6.59 -27.85 14.39
CA LEU A 229 -5.89 -28.98 15.00
C LEU A 229 -6.41 -29.24 16.41
N GLU A 230 -6.28 -30.49 16.86
CA GLU A 230 -6.71 -30.84 18.21
C GLU A 230 -5.77 -30.19 19.22
N PRO A 231 -6.34 -29.50 20.22
CA PRO A 231 -5.58 -28.75 21.22
C PRO A 231 -4.53 -29.57 21.98
N ALA A 232 -4.75 -30.87 22.13
CA ALA A 232 -3.85 -31.69 22.93
C ALA A 232 -2.39 -31.44 22.56
N TYR A 233 -2.08 -31.57 21.28
CA TYR A 233 -0.72 -31.32 20.80
C TYR A 233 -0.44 -29.91 20.24
N SER A 234 -1.50 -29.12 20.01
CA SER A 234 -1.33 -27.77 19.44
C SER A 234 -1.43 -26.59 20.41
N ALA A 235 -1.74 -26.86 21.67
CA ALA A 235 -2.12 -25.79 22.58
C ALA A 235 -0.95 -24.88 22.94
N LYS A 236 0.16 -25.47 23.36
CA LYS A 236 1.32 -24.68 23.75
C LYS A 236 1.73 -23.78 22.60
N TRP A 237 1.82 -24.35 21.40
CA TRP A 237 2.25 -23.60 20.22
C TRP A 237 1.33 -22.41 19.95
N ARG A 238 0.03 -22.66 19.94
CA ARG A 238 -0.94 -21.60 19.65
C ARG A 238 -0.95 -20.52 20.73
N LYS A 239 -0.64 -20.90 21.96
CA LYS A 239 -0.59 -19.95 23.05
C LYS A 239 0.59 -19.02 22.82
N TYR A 240 1.66 -19.59 22.27
CA TYR A 240 2.85 -18.82 21.91
C TYR A 240 2.61 -17.83 20.77
N LEU A 241 1.90 -18.27 19.73
CA LEU A 241 1.60 -17.39 18.60
C LEU A 241 0.71 -16.23 19.03
N HIS A 242 -0.21 -16.51 19.95
CA HIS A 242 -1.09 -15.49 20.48
C HIS A 242 -0.26 -14.50 21.29
N LEU A 243 0.73 -15.02 22.00
CA LEU A 243 1.68 -14.21 22.77
C LEU A 243 2.45 -13.25 21.87
N LYS A 244 2.94 -13.77 20.75
CA LYS A 244 3.72 -12.96 19.81
C LYS A 244 2.85 -11.89 19.18
N MET A 245 1.59 -12.22 18.93
CA MET A 245 0.68 -11.25 18.34
C MET A 245 0.42 -10.07 19.28
N CYS A 246 0.13 -10.35 20.54
CA CYS A 246 -0.10 -9.29 21.51
C CYS A 246 1.17 -8.48 21.72
N PHE A 247 2.29 -9.17 21.87
CA PHE A 247 3.57 -8.52 22.00
C PHE A 247 3.79 -7.52 20.87
N TYR A 248 3.58 -7.95 19.62
CA TYR A 248 3.88 -7.07 18.49
C TYR A 248 2.77 -6.08 18.16
N THR A 249 1.56 -6.36 18.66
CA THR A 249 0.50 -5.36 18.55
C THR A 249 0.79 -4.21 19.50
N ALA A 250 1.32 -4.55 20.68
CA ALA A 250 1.70 -3.52 21.65
C ALA A 250 2.75 -2.60 21.06
N TYR A 251 3.75 -3.20 20.40
CA TYR A 251 4.75 -2.44 19.68
C TYR A 251 4.12 -1.51 18.65
N ALA A 252 3.12 -2.01 17.94
CA ALA A 252 2.47 -1.21 16.91
C ALA A 252 1.87 0.02 17.53
N TYR A 253 1.08 -0.18 18.58
CA TYR A 253 0.41 0.93 19.26
C TYR A 253 1.40 1.91 19.86
N CYS A 254 2.48 1.38 20.44
CA CYS A 254 3.51 2.20 21.02
C CYS A 254 4.08 3.20 20.00
N TYR A 255 4.64 2.68 18.91
CA TYR A 255 5.27 3.52 17.88
C TYR A 255 4.28 4.36 17.10
N HIS A 256 3.06 3.85 16.98
CA HIS A 256 1.98 4.58 16.34
C HIS A 256 1.63 5.81 17.17
N GLY A 257 1.71 5.65 18.49
CA GLY A 257 1.44 6.74 19.41
C GLY A 257 2.42 7.88 19.22
N GLU A 258 3.69 7.54 19.01
CA GLU A 258 4.69 8.56 18.74
C GLU A 258 4.27 9.36 17.52
N THR A 259 3.75 8.64 16.54
CA THR A 259 3.27 9.21 15.29
C THR A 259 2.13 10.20 15.53
N LEU A 260 1.18 9.82 16.39
CA LEU A 260 0.07 10.68 16.73
C LEU A 260 0.52 11.91 17.52
N LEU A 261 1.50 11.73 18.40
CA LEU A 261 1.97 12.81 19.22
C LEU A 261 2.53 13.93 18.34
N ALA A 262 3.38 13.55 17.39
CA ALA A 262 4.00 14.50 16.48
C ALA A 262 2.96 15.29 15.68
N SER A 263 1.85 14.62 15.36
CA SER A 263 0.78 15.23 14.59
C SER A 263 -0.14 16.04 15.50
N ASP A 264 0.25 16.13 16.77
CA ASP A 264 -0.47 16.94 17.74
C ASP A 264 -1.88 16.46 18.01
N LYS A 265 -2.11 15.15 17.93
CA LYS A 265 -3.37 14.61 18.40
C LYS A 265 -3.12 13.99 19.76
N CYS A 266 -3.53 14.70 20.80
CA CYS A 266 -3.16 14.35 22.17
C CYS A 266 -4.01 13.24 22.77
N GLY A 267 -5.33 13.38 22.63
CA GLY A 267 -6.26 12.42 23.17
C GLY A 267 -6.04 11.05 22.56
N GLU A 268 -5.70 11.03 21.27
CA GLU A 268 -5.48 9.78 20.56
C GLU A 268 -4.15 9.14 20.94
N ALA A 269 -3.09 9.94 21.04
CA ALA A 269 -1.78 9.44 21.44
C ALA A 269 -1.84 8.77 22.81
N ILE A 270 -2.46 9.46 23.77
CA ILE A 270 -2.69 8.90 25.09
C ILE A 270 -3.42 7.56 25.00
N ARG A 271 -4.45 7.53 24.15
CA ARG A 271 -5.25 6.33 23.99
C ARG A 271 -4.44 5.22 23.34
N SER A 272 -3.52 5.61 22.48
CA SER A 272 -2.69 4.65 21.76
C SER A 272 -1.69 3.98 22.70
N LEU A 273 -1.12 4.78 23.60
CA LEU A 273 -0.12 4.27 24.55
C LEU A 273 -0.77 3.42 25.62
N GLN A 274 -1.99 3.81 26.01
CA GLN A 274 -2.76 3.01 26.95
C GLN A 274 -3.02 1.63 26.37
N GLU A 275 -3.34 1.57 25.09
CA GLU A 275 -3.61 0.29 24.44
C GLU A 275 -2.34 -0.51 24.35
N ALA A 276 -1.22 0.17 24.17
CA ALA A 276 0.07 -0.51 24.08
C ALA A 276 0.40 -1.20 25.40
N GLU A 277 0.34 -0.43 26.50
CA GLU A 277 0.64 -0.98 27.81
C GLU A 277 -0.30 -2.13 28.18
N LYS A 278 -1.56 -1.99 27.80
CA LYS A 278 -2.56 -3.02 28.05
C LYS A 278 -2.24 -4.31 27.30
N LEU A 279 -1.93 -4.19 26.02
CA LEU A 279 -1.56 -5.36 25.21
C LEU A 279 -0.28 -6.02 25.69
N TYR A 280 0.69 -5.22 26.11
CA TYR A 280 1.91 -5.78 26.64
C TYR A 280 1.61 -6.58 27.92
N ALA A 281 0.72 -6.05 28.75
CA ALA A 281 0.33 -6.73 29.98
C ALA A 281 -0.39 -8.03 29.65
N LYS A 282 -1.23 -7.99 28.62
CA LYS A 282 -1.89 -9.19 28.16
C LYS A 282 -0.82 -10.17 27.68
N ALA A 283 0.18 -9.63 26.99
CA ALA A 283 1.30 -10.44 26.52
C ALA A 283 2.01 -11.16 27.67
N GLU A 284 2.19 -10.46 28.79
CA GLU A 284 2.84 -11.05 29.96
C GLU A 284 2.02 -12.16 30.60
N ALA A 285 0.70 -12.03 30.56
CA ALA A 285 -0.18 -13.04 31.14
C ALA A 285 -0.23 -14.30 30.27
N LEU A 286 -0.20 -14.10 28.96
CA LEU A 286 -0.13 -15.21 28.01
C LEU A 286 1.22 -15.92 28.14
N CYS A 287 2.23 -15.19 28.59
CA CYS A 287 3.55 -15.76 28.77
C CYS A 287 3.49 -16.77 29.89
N LYS A 288 2.78 -16.40 30.96
CA LYS A 288 2.64 -17.28 32.11
C LYS A 288 1.88 -18.54 31.71
N GLU A 289 0.79 -18.36 30.96
CA GLU A 289 -0.01 -19.48 30.49
C GLU A 289 0.76 -20.38 29.52
N TYR A 290 1.54 -19.75 28.63
CA TYR A 290 2.36 -20.50 27.68
C TYR A 290 3.33 -21.42 28.40
N GLY A 291 3.97 -20.92 29.44
CA GLY A 291 4.93 -21.69 30.19
C GLY A 291 4.28 -22.84 30.93
N GLU A 292 3.04 -22.65 31.36
CA GLU A 292 2.29 -23.67 32.07
C GLU A 292 1.70 -24.72 31.12
N THR A 293 1.42 -24.33 29.89
CA THR A 293 0.78 -25.22 28.92
C THR A 293 1.62 -26.42 28.51
N LYS A 294 0.99 -27.59 28.48
CA LYS A 294 1.64 -28.84 28.13
C LYS A 294 1.73 -28.98 26.60
N GLY A 295 2.92 -29.27 26.10
CA GLY A 295 3.07 -29.43 24.66
C GLY A 295 4.47 -29.74 24.17
N PRO A 296 4.57 -30.09 22.88
CA PRO A 296 5.85 -30.39 22.22
C PRO A 296 6.78 -29.18 22.24
N GLY A 297 8.06 -29.40 22.50
CA GLY A 297 9.04 -28.34 22.51
C GLY A 297 9.14 -27.63 23.85
N PRO A 298 10.34 -27.15 24.18
CA PRO A 298 10.60 -26.49 25.47
C PRO A 298 10.01 -25.10 25.53
N THR A 299 9.91 -24.56 26.74
CA THR A 299 9.44 -23.19 26.94
C THR A 299 10.56 -22.18 26.75
N VAL A 300 10.31 -21.13 25.97
CA VAL A 300 11.27 -20.07 25.80
C VAL A 300 10.82 -18.85 26.59
N LYS A 301 11.75 -18.09 27.14
CA LYS A 301 11.34 -16.90 27.86
C LYS A 301 11.98 -15.61 27.37
N PRO A 302 11.17 -14.55 27.27
CA PRO A 302 11.51 -13.16 26.93
C PRO A 302 11.85 -12.30 28.14
N SER A 303 13.09 -12.35 28.61
CA SER A 303 13.44 -11.50 29.75
C SER A 303 13.62 -10.07 29.28
N GLY A 304 12.74 -9.20 29.78
CA GLY A 304 12.64 -7.85 29.26
C GLY A 304 13.10 -6.69 30.14
N HIS A 305 13.06 -5.49 29.57
CA HIS A 305 12.75 -5.30 28.15
C HIS A 305 12.83 -3.82 27.72
N LEU A 306 13.00 -3.59 26.43
CA LEU A 306 13.22 -2.25 25.92
C LEU A 306 11.89 -1.57 25.58
N PHE A 307 10.84 -2.37 25.48
CA PHE A 307 9.51 -1.82 25.26
C PHE A 307 9.20 -0.81 26.35
N PHE A 308 9.54 -1.15 27.59
CA PHE A 308 9.25 -0.29 28.73
C PHE A 308 10.07 0.99 28.74
N ARG A 309 11.34 0.91 28.32
CA ARG A 309 12.16 2.10 28.15
C ARG A 309 11.49 3.02 27.14
N LYS A 310 11.13 2.47 25.99
CA LYS A 310 10.51 3.25 24.93
C LYS A 310 9.15 3.78 25.38
N LEU A 311 8.39 2.95 26.09
CA LEU A 311 7.08 3.36 26.60
C LEU A 311 7.18 4.48 27.62
N GLY A 312 8.07 4.33 28.60
CA GLY A 312 8.28 5.33 29.62
C GLY A 312 8.64 6.67 28.99
N ASN A 313 9.54 6.62 28.04
CA ASN A 313 9.96 7.81 27.32
C ASN A 313 8.78 8.55 26.69
N LEU A 314 7.96 7.81 25.95
CA LEU A 314 6.80 8.41 25.28
C LEU A 314 5.77 8.94 26.26
N VAL A 315 5.55 8.22 27.36
CA VAL A 315 4.56 8.65 28.34
C VAL A 315 4.98 9.99 28.93
N LYS A 316 6.28 10.16 29.15
CA LYS A 316 6.81 11.41 29.67
C LYS A 316 6.57 12.56 28.67
N ASN A 317 6.93 12.33 27.42
CA ASN A 317 6.75 13.35 26.39
C ASN A 317 5.29 13.67 26.14
N THR A 318 4.46 12.62 26.13
CA THR A 318 3.04 12.76 25.86
C THR A 318 2.33 13.53 26.96
N LEU A 319 2.67 13.22 28.22
CA LEU A 319 2.05 13.89 29.36
C LEU A 319 2.48 15.35 29.45
N GLU A 320 3.77 15.61 29.25
CA GLU A 320 4.28 16.97 29.29
C GLU A 320 3.56 17.86 28.29
N LYS A 321 3.33 17.33 27.09
CA LYS A 321 2.62 18.08 26.06
C LYS A 321 1.11 18.10 26.30
N CYS A 322 0.56 16.97 26.72
CA CYS A 322 -0.90 16.81 26.69
C CYS A 322 -1.67 17.04 28.00
N GLN A 323 -0.98 17.32 29.09
CA GLN A 323 -1.66 17.45 30.37
C GLN A 323 -2.67 18.61 30.40
N ARG A 324 -2.29 19.76 29.87
CA ARG A 324 -3.17 20.92 29.80
C ARG A 324 -4.53 20.54 29.19
N GLU A 325 -4.47 19.79 28.09
CA GLU A 325 -5.68 19.42 27.35
C GLU A 325 -6.44 18.20 27.90
N ASN A 326 -5.71 17.23 28.47
CA ASN A 326 -6.28 15.96 28.90
C ASN A 326 -5.96 15.54 30.35
N GLY A 327 -4.67 15.41 30.66
CA GLY A 327 -4.19 14.83 31.91
C GLY A 327 -4.55 15.75 33.05
N PHE A 328 -3.92 15.65 34.22
CA PHE A 328 -2.67 14.93 34.47
C PHE A 328 -2.78 13.43 34.77
N ILE A 329 -3.84 13.05 35.47
CA ILE A 329 -3.94 11.69 36.02
C ILE A 329 -5.28 11.06 35.65
N TYR A 330 -6.36 11.69 36.07
CA TYR A 330 -7.67 11.34 35.55
C TYR A 330 -7.79 12.00 34.18
N PHE A 331 -7.91 11.19 33.14
CA PHE A 331 -7.81 11.71 31.78
C PHE A 331 -9.18 12.01 31.19
N GLN A 332 -9.24 13.10 30.44
CA GLN A 332 -10.51 13.59 29.91
C GLN A 332 -10.48 13.68 28.39
N LYS A 333 -11.67 13.63 27.80
CA LYS A 333 -11.84 13.55 26.36
C LYS A 333 -10.81 12.62 25.73
N ILE A 334 -10.91 11.34 26.09
CA ILE A 334 -10.07 10.33 25.50
C ILE A 334 -11.01 9.38 24.79
N PRO A 335 -10.65 8.95 23.58
CA PRO A 335 -11.56 8.12 22.79
C PRO A 335 -11.77 6.78 23.47
N THR A 336 -13.01 6.34 23.62
CA THR A 336 -13.29 5.06 24.26
C THR A 336 -12.62 3.90 23.51
N GLU A 337 -12.51 4.05 22.19
CA GLU A 337 -11.93 2.99 21.38
C GLU A 337 -10.48 3.31 21.04
N ALA A 338 -9.66 2.25 20.92
CA ALA A 338 -8.28 2.42 20.49
C ALA A 338 -8.25 2.90 19.04
N PRO A 339 -7.28 3.76 18.71
CA PRO A 339 -7.16 4.32 17.36
C PRO A 339 -6.92 3.23 16.33
N GLN A 340 -7.52 3.36 15.16
CA GLN A 340 -7.48 2.31 14.15
C GLN A 340 -6.07 2.12 13.55
N LEU A 341 -5.60 0.88 13.53
CA LEU A 341 -4.36 0.59 12.83
C LEU A 341 -4.67 -0.16 11.55
N GLU A 342 -4.54 0.53 10.43
CA GLU A 342 -4.37 -0.15 9.17
C GLU A 342 -3.14 0.51 8.59
N LEU A 343 -2.05 -0.23 8.57
CA LEU A 343 -0.74 0.36 8.31
C LEU A 343 -0.04 -0.42 7.22
N LYS A 344 0.50 0.30 6.25
CA LYS A 344 1.20 -0.36 5.17
C LYS A 344 2.70 -0.28 5.41
N ALA A 345 3.32 -1.44 5.55
CA ALA A 345 4.76 -1.51 5.68
C ALA A 345 5.35 -1.51 4.29
N ASN A 346 6.11 -0.46 3.97
CA ASN A 346 6.78 -0.37 2.69
C ASN A 346 8.21 -0.89 2.79
N TYR A 347 8.60 -1.25 4.01
CA TYR A 347 9.96 -1.72 4.26
C TYR A 347 9.96 -2.82 5.33
N GLY A 348 10.73 -3.87 5.06
CA GLY A 348 10.95 -4.93 6.03
C GLY A 348 10.19 -6.21 5.78
N LEU A 349 9.24 -6.20 4.85
CA LEU A 349 8.44 -7.39 4.60
C LEU A 349 9.25 -8.52 3.97
N VAL A 350 9.09 -9.72 4.49
CA VAL A 350 9.86 -10.86 4.05
C VAL A 350 9.06 -11.81 3.15
N GLU A 351 9.71 -12.32 2.12
CA GLU A 351 9.13 -13.34 1.25
C GLU A 351 10.04 -14.56 1.23
N PRO A 352 9.44 -15.76 1.20
CA PRO A 352 10.25 -16.98 1.19
C PRO A 352 11.21 -16.99 0.01
N ILE A 353 12.41 -17.52 0.19
CA ILE A 353 13.31 -17.71 -0.94
C ILE A 353 12.91 -18.96 -1.71
N PRO A 354 12.57 -18.79 -2.99
CA PRO A 354 12.09 -19.92 -3.81
C PRO A 354 13.08 -21.06 -3.73
N PHE A 355 12.56 -22.29 -3.71
CA PHE A 355 13.42 -23.45 -3.56
C PHE A 355 13.01 -24.57 -4.50
N GLU A 356 14.01 -25.28 -5.00
CA GLU A 356 13.76 -26.48 -5.79
C GLU A 356 14.72 -27.56 -5.35
N PHE A 357 14.25 -28.80 -5.37
CA PHE A 357 15.15 -29.93 -5.16
C PHE A 357 16.09 -30.02 -6.36
N PRO A 358 17.25 -30.65 -6.17
CA PRO A 358 18.14 -30.89 -7.32
C PRO A 358 17.51 -31.85 -8.32
N PRO A 359 17.89 -31.74 -9.59
CA PRO A 359 17.46 -32.73 -10.59
C PRO A 359 18.04 -34.10 -10.28
N THR A 360 17.69 -35.10 -11.08
CA THR A 360 18.17 -36.46 -10.84
C THR A 360 19.68 -36.56 -11.00
N SER A 361 20.31 -37.30 -10.09
CA SER A 361 21.76 -37.48 -10.14
C SER A 361 22.20 -38.04 -11.48
N VAL A 362 23.39 -37.65 -11.92
CA VAL A 362 23.94 -38.12 -13.18
C VAL A 362 24.21 -39.62 -13.10
N GLN A 363 24.31 -40.15 -11.88
CA GLN A 363 24.49 -41.58 -11.72
C GLN A 363 23.30 -42.38 -12.25
N TRP A 364 22.18 -41.71 -12.50
CA TRP A 364 20.99 -42.36 -13.00
C TRP A 364 20.92 -42.35 -14.52
N THR A 365 20.98 -43.54 -15.11
CA THR A 365 20.79 -43.69 -16.54
C THR A 365 19.79 -44.80 -16.77
N PRO A 366 19.15 -44.80 -17.95
CA PRO A 366 18.24 -45.88 -18.35
C PRO A 366 18.84 -47.27 -18.15
N GLU A 367 20.16 -47.40 -18.27
CA GLU A 367 20.83 -48.69 -18.07
C GLU A 367 21.02 -49.02 -16.59
N THR A 368 21.34 -48.00 -15.79
CA THR A 368 21.57 -48.18 -14.36
C THR A 368 20.25 -48.51 -13.68
N LEU A 369 19.16 -48.04 -14.27
CA LEU A 369 17.83 -48.30 -13.75
C LEU A 369 17.39 -49.72 -14.06
N ALA A 370 17.83 -50.24 -15.20
CA ALA A 370 17.52 -51.61 -15.60
C ALA A 370 18.27 -52.61 -14.74
N ALA A 371 19.37 -52.15 -14.13
CA ALA A 371 20.13 -52.98 -13.21
C ALA A 371 19.30 -53.26 -11.97
N PHE A 372 18.17 -52.55 -11.86
CA PHE A 372 17.16 -52.85 -10.85
C PHE A 372 16.14 -53.77 -11.49
N ASP A 373 16.12 -55.03 -11.06
CA ASP A 373 15.19 -56.00 -11.63
C ASP A 373 14.06 -56.27 -10.65
N LEU A 374 12.86 -55.79 -11.00
CA LEU A 374 11.74 -55.81 -10.05
C LEU A 374 10.87 -57.05 -10.13
N THR A 375 11.27 -58.01 -10.97
CA THR A 375 10.49 -59.22 -11.15
C THR A 375 10.92 -60.33 -10.20
N THR B 1 21.24 -1.80 -3.34
CA THR B 1 19.96 -2.26 -3.88
C THR B 1 18.89 -1.17 -3.74
N LYS B 2 18.00 -1.10 -4.72
CA LYS B 2 16.92 -0.12 -4.72
C LYS B 2 15.58 -0.84 -4.78
N ASN B 3 14.58 -0.32 -4.07
CA ASN B 3 13.23 -0.88 -4.16
C ASN B 3 12.50 -0.28 -5.36
N LYS B 4 11.24 -0.67 -5.53
CA LYS B 4 10.45 -0.26 -6.70
C LYS B 4 10.40 1.25 -6.89
N ASP B 5 10.46 2.00 -5.80
CA ASP B 5 10.34 3.46 -5.83
C ASP B 5 11.69 4.16 -6.03
N GLY B 6 12.76 3.38 -6.19
CA GLY B 6 14.09 3.93 -6.39
C GLY B 6 14.80 4.32 -5.10
N VAL B 7 14.24 3.90 -3.98
CA VAL B 7 14.88 4.15 -2.68
C VAL B 7 15.92 3.09 -2.38
N LEU B 8 17.11 3.54 -1.97
CA LEU B 8 18.18 2.61 -1.61
C LEU B 8 17.92 1.93 -0.27
N VAL B 9 18.06 0.61 -0.24
CA VAL B 9 17.76 -0.15 0.95
C VAL B 9 18.91 -1.07 1.34
N ASP B 10 18.96 -1.43 2.62
CA ASP B 10 19.98 -2.35 3.12
C ASP B 10 19.55 -3.79 2.89
N GLU B 11 20.31 -4.73 3.44
CA GLU B 11 20.06 -6.16 3.23
C GLU B 11 18.78 -6.66 3.91
N PHE B 12 18.24 -5.88 4.84
CA PHE B 12 16.99 -6.27 5.49
C PHE B 12 15.78 -5.58 4.83
N GLY B 13 16.05 -4.81 3.78
CA GLY B 13 14.99 -4.11 3.07
C GLY B 13 14.55 -2.81 3.74
N LEU B 14 15.38 -2.31 4.67
CA LEU B 14 15.16 -1.01 5.29
C LEU B 14 15.87 0.06 4.46
N PRO B 15 15.37 1.30 4.53
CA PRO B 15 16.01 2.39 3.78
C PRO B 15 17.42 2.65 4.32
N GLN B 16 18.39 2.84 3.44
CA GLN B 16 19.73 3.18 3.91
C GLN B 16 19.78 4.61 4.41
N ILE B 17 20.39 4.80 5.57
CA ILE B 17 20.43 6.10 6.23
C ILE B 17 21.58 6.99 5.77
N THR C 1 3.48 19.29 -23.03
CA THR C 1 2.62 20.34 -22.52
C THR C 1 1.26 19.79 -22.05
N HIS C 2 0.73 20.35 -20.97
CA HIS C 2 -0.50 19.84 -20.36
C HIS C 2 -1.78 20.28 -21.06
N TRP C 3 -2.79 19.42 -20.97
CA TRP C 3 -4.11 19.71 -21.51
C TRP C 3 -5.21 19.34 -20.50
N PHE C 4 -5.92 20.35 -20.02
CA PHE C 4 -6.94 20.16 -19.01
C PHE C 4 -8.26 20.76 -19.46
N HIS C 5 -9.28 19.91 -19.57
CA HIS C 5 -10.61 20.41 -19.94
C HIS C 5 -11.13 21.41 -18.92
N ARG C 6 -11.75 22.48 -19.40
CA ARG C 6 -12.34 23.46 -18.50
C ARG C 6 -13.76 23.84 -18.86
N ASN C 7 -14.67 23.71 -17.90
CA ASN C 7 -16.02 24.22 -18.04
C ASN C 7 -16.00 25.71 -17.78
N PRO C 8 -16.97 26.44 -18.35
CA PRO C 8 -16.95 27.90 -18.21
C PRO C 8 -17.21 28.38 -16.77
N LEU C 9 -16.77 29.58 -16.46
CA LEU C 9 -17.02 30.18 -15.15
C LEU C 9 -18.51 30.42 -14.98
N LYS C 10 -18.96 30.46 -13.73
CA LYS C 10 -20.32 30.85 -13.41
C LYS C 10 -20.46 32.36 -13.60
N ALA C 11 -21.69 32.82 -13.86
CA ALA C 11 -21.97 34.25 -13.96
C ALA C 11 -23.09 34.60 -13.00
N THR C 12 -23.11 35.84 -12.52
CA THR C 12 -24.09 36.23 -11.52
C THR C 12 -24.72 37.58 -11.83
N ALA C 13 -25.94 37.78 -11.32
CA ALA C 13 -26.60 39.06 -11.45
C ALA C 13 -25.95 40.10 -10.53
N PRO C 14 -25.78 41.33 -11.02
CA PRO C 14 -25.24 42.42 -10.22
C PRO C 14 -26.06 42.67 -8.97
N VAL C 15 -25.41 42.78 -7.81
CA VAL C 15 -26.07 43.12 -6.56
C VAL C 15 -25.56 44.47 -6.06
N SER C 16 -26.48 45.41 -5.86
CA SER C 16 -26.12 46.74 -5.37
C SER C 16 -26.13 46.85 -3.84
N PHE C 17 -26.74 45.88 -3.18
CA PHE C 17 -26.96 45.98 -1.73
C PHE C 17 -27.55 47.33 -1.34
N ASN C 18 -28.47 47.86 -2.14
CA ASN C 18 -29.18 49.08 -1.78
C ASN C 18 -30.57 48.77 -1.25
N TYR C 19 -30.75 48.89 0.06
CA TYR C 19 -31.98 48.52 0.74
C TYR C 19 -32.95 49.64 1.12
N TYR C 20 -32.60 50.88 0.78
CA TYR C 20 -33.47 52.02 1.03
C TYR C 20 -33.87 52.15 2.51
N GLY C 21 -35.18 52.07 2.77
CA GLY C 21 -35.70 52.28 4.11
C GLY C 21 -35.16 51.34 5.19
N VAL C 22 -34.94 50.09 4.82
CA VAL C 22 -34.41 49.09 5.75
C VAL C 22 -33.13 49.59 6.44
N VAL C 23 -32.34 50.39 5.72
CA VAL C 23 -31.06 50.86 6.23
C VAL C 23 -31.20 52.22 6.90
N THR C 24 -30.80 52.30 8.16
CA THR C 24 -30.88 53.54 8.92
C THR C 24 -29.56 53.90 9.60
N GLY C 25 -28.95 55.00 9.17
CA GLY C 25 -27.70 55.45 9.74
C GLY C 25 -26.48 55.16 8.87
N PRO C 26 -25.46 56.03 8.97
CA PRO C 26 -24.26 56.01 8.12
C PRO C 26 -23.45 54.72 8.23
N SER C 27 -23.46 54.08 9.39
CA SER C 27 -22.65 52.89 9.59
C SER C 27 -23.10 51.75 8.68
N ALA C 28 -24.40 51.42 8.76
CA ALA C 28 -24.98 50.36 7.96
C ALA C 28 -24.92 50.66 6.47
N SER C 29 -24.91 51.95 6.13
CA SER C 29 -24.91 52.39 4.74
C SER C 29 -23.54 52.21 4.07
N LYS C 30 -22.49 52.49 4.82
CA LYS C 30 -21.13 52.36 4.30
C LYS C 30 -20.77 50.89 4.14
N ILE C 31 -21.27 50.05 5.04
CA ILE C 31 -20.97 48.62 4.97
C ILE C 31 -21.68 47.98 3.77
N CYS C 32 -22.78 48.58 3.34
CA CYS C 32 -23.49 48.14 2.14
C CYS C 32 -22.75 48.57 0.88
N ASN C 33 -22.07 49.72 0.94
CA ASN C 33 -21.28 50.20 -0.18
C ASN C 33 -20.04 49.33 -0.39
N ASP C 34 -19.43 48.91 0.72
CA ASP C 34 -18.24 48.08 0.68
C ASP C 34 -18.55 46.66 0.20
N LEU C 35 -19.74 46.16 0.54
CA LEU C 35 -20.20 44.91 -0.01
C LEU C 35 -20.35 45.04 -1.52
N ARG C 36 -21.00 46.12 -1.94
CA ARG C 36 -21.22 46.35 -3.37
C ARG C 36 -19.90 46.40 -4.11
N SER C 37 -18.94 47.15 -3.58
CA SER C 37 -17.68 47.34 -4.28
C SER C 37 -16.77 46.12 -4.20
N SER C 38 -16.76 45.43 -3.07
CA SER C 38 -15.88 44.29 -2.91
C SER C 38 -16.37 43.10 -3.72
N ARG C 39 -17.68 43.03 -3.94
CA ARG C 39 -18.24 42.00 -4.81
C ARG C 39 -17.90 42.31 -6.27
N ALA C 40 -18.14 43.56 -6.67
CA ALA C 40 -17.89 44.00 -8.04
C ALA C 40 -16.43 43.79 -8.45
N ARG C 41 -15.51 44.10 -7.54
CA ARG C 41 -14.09 43.96 -7.81
C ARG C 41 -13.70 42.49 -7.98
N LEU C 42 -14.18 41.65 -7.08
CA LEU C 42 -13.91 40.22 -7.15
C LEU C 42 -14.41 39.66 -8.48
N LEU C 43 -15.62 40.04 -8.87
CA LEU C 43 -16.20 39.56 -10.12
C LEU C 43 -15.39 40.01 -11.34
N GLU C 44 -14.92 41.25 -11.32
CA GLU C 44 -14.10 41.76 -12.42
C GLU C 44 -12.81 40.95 -12.55
N LEU C 45 -12.26 40.54 -11.42
CA LEU C 45 -11.01 39.80 -11.42
C LEU C 45 -11.09 38.43 -12.10
N PHE C 46 -12.27 37.83 -12.09
CA PHE C 46 -12.43 36.49 -12.66
C PHE C 46 -12.05 36.46 -14.13
N THR C 47 -12.39 37.53 -14.84
CA THR C 47 -12.13 37.60 -16.28
C THR C 47 -10.85 38.38 -16.62
N ASP C 48 -10.12 38.79 -15.59
CA ASP C 48 -8.88 39.54 -15.78
C ASP C 48 -7.69 38.59 -15.95
N LEU C 49 -7.05 38.64 -17.12
CA LEU C 49 -5.94 37.73 -17.45
C LEU C 49 -4.62 38.11 -16.77
N SER C 50 -4.60 39.29 -16.17
CA SER C 50 -3.41 39.74 -15.46
C SER C 50 -3.52 39.40 -13.97
N CYS C 51 -4.58 38.69 -13.61
CA CYS C 51 -4.83 38.36 -12.22
C CYS C 51 -4.00 37.15 -11.77
N ASN C 52 -3.22 37.33 -10.70
CA ASN C 52 -2.53 36.21 -10.07
C ASN C 52 -3.24 35.79 -8.78
N PRO C 53 -2.76 34.71 -8.15
CA PRO C 53 -3.38 34.20 -6.91
C PRO C 53 -3.27 35.15 -5.71
N GLU C 54 -2.33 36.08 -5.74
CA GLU C 54 -2.23 37.05 -4.65
C GLU C 54 -3.43 37.99 -4.67
N MET C 55 -3.70 38.56 -5.84
CA MET C 55 -4.81 39.47 -6.01
C MET C 55 -6.16 38.79 -5.72
N MET C 56 -6.33 37.58 -6.25
CA MET C 56 -7.58 36.85 -6.03
C MET C 56 -7.80 36.58 -4.54
N LYS C 57 -6.76 36.11 -3.87
CA LYS C 57 -6.83 35.83 -2.43
C LYS C 57 -7.29 37.08 -1.65
N ASN C 58 -6.68 38.23 -1.94
CA ASN C 58 -7.06 39.48 -1.29
C ASN C 58 -8.50 39.89 -1.55
N ALA C 59 -8.87 39.94 -2.81
CA ALA C 59 -10.22 40.34 -3.20
C ALA C 59 -11.28 39.41 -2.61
N ALA C 60 -11.01 38.10 -2.63
CA ALA C 60 -11.95 37.13 -2.10
C ALA C 60 -12.17 37.28 -0.60
N ASP C 61 -11.08 37.38 0.16
CA ASP C 61 -11.21 37.55 1.60
C ASP C 61 -11.93 38.85 1.95
N SER C 62 -11.63 39.91 1.22
CA SER C 62 -12.29 41.19 1.48
C SER C 62 -13.80 41.01 1.35
N TYR C 63 -14.23 40.45 0.25
CA TYR C 63 -15.66 40.26 0.03
C TYR C 63 -16.25 39.27 1.04
N PHE C 64 -15.58 38.15 1.27
CA PHE C 64 -16.10 37.10 2.14
C PHE C 64 -16.16 37.50 3.61
N SER C 65 -15.24 38.36 4.05
CA SER C 65 -15.24 38.78 5.45
C SER C 65 -16.45 39.67 5.70
N LEU C 66 -16.82 40.47 4.71
CA LEU C 66 -18.05 41.26 4.78
C LEU C 66 -19.30 40.39 4.65
N LEU C 67 -19.36 39.60 3.57
CA LEU C 67 -20.52 38.74 3.32
C LEU C 67 -20.87 37.88 4.52
N GLN C 68 -19.86 37.45 5.26
CA GLN C 68 -20.05 36.61 6.43
C GLN C 68 -21.04 37.23 7.43
N GLY C 69 -21.13 38.56 7.41
CA GLY C 69 -22.04 39.29 8.29
C GLY C 69 -23.51 39.01 7.98
N PHE C 70 -23.79 38.65 6.74
CA PHE C 70 -25.15 38.27 6.35
C PHE C 70 -25.44 36.84 6.78
N ILE C 71 -24.43 36.14 7.28
CA ILE C 71 -24.57 34.72 7.60
C ILE C 71 -24.44 34.40 9.08
N ASN C 72 -23.27 34.69 9.65
CA ASN C 72 -23.00 34.38 11.06
C ASN C 72 -23.40 35.49 12.02
N SER C 73 -23.89 35.07 13.20
CA SER C 73 -24.19 36.00 14.28
C SER C 73 -22.91 36.66 14.80
N LEU C 74 -23.06 37.85 15.38
CA LEU C 74 -21.92 38.51 16.01
C LEU C 74 -21.70 38.00 17.42
N ASP C 75 -22.58 38.37 18.33
CA ASP C 75 -22.41 38.02 19.74
C ASP C 75 -22.56 36.53 19.97
N GLU C 76 -23.12 35.83 18.98
CA GLU C 76 -23.31 34.40 19.09
C GLU C 76 -24.31 34.06 20.21
N SER C 77 -25.19 35.02 20.51
CA SER C 77 -26.37 34.76 21.34
C SER C 77 -27.53 34.49 20.40
N THR C 78 -27.23 34.44 19.11
CA THR C 78 -28.24 34.16 18.09
C THR C 78 -27.72 33.06 17.15
N GLN C 79 -28.62 32.23 16.65
CA GLN C 79 -28.23 31.13 15.77
C GLN C 79 -27.40 31.63 14.59
N GLU C 80 -28.05 32.46 13.76
CA GLU C 80 -27.40 33.01 12.58
C GLU C 80 -27.70 34.50 12.47
N SER C 81 -27.23 35.10 11.38
CA SER C 81 -27.46 36.51 11.12
C SER C 81 -28.92 36.73 10.70
N LYS C 82 -29.46 37.89 11.04
CA LYS C 82 -30.85 38.21 10.72
C LYS C 82 -31.00 38.66 9.28
N LEU C 83 -29.87 38.92 8.62
CA LEU C 83 -29.86 39.39 7.25
C LEU C 83 -29.68 38.27 6.21
N ARG C 84 -29.58 37.03 6.69
CA ARG C 84 -29.31 35.89 5.81
C ARG C 84 -30.28 35.79 4.63
N TYR C 85 -31.55 36.09 4.87
CA TYR C 85 -32.61 36.02 3.86
C TYR C 85 -32.98 37.34 3.18
N ILE C 86 -32.22 38.40 3.44
CA ILE C 86 -32.58 39.74 2.94
C ILE C 86 -32.46 39.90 1.42
N GLN C 87 -31.57 39.12 0.80
CA GLN C 87 -31.12 39.39 -0.56
C GLN C 87 -31.24 38.16 -1.48
N ASN C 88 -31.75 38.38 -2.69
CA ASN C 88 -31.85 37.30 -3.67
C ASN C 88 -30.60 37.22 -4.54
N PHE C 89 -30.03 36.03 -4.63
CA PHE C 89 -28.81 35.82 -5.39
C PHE C 89 -29.04 34.89 -6.58
N LYS C 90 -28.56 35.29 -7.75
CA LYS C 90 -28.77 34.50 -8.96
C LYS C 90 -27.46 34.15 -9.69
N TRP C 91 -27.27 32.87 -9.97
CA TRP C 91 -26.02 32.38 -10.57
C TRP C 91 -26.30 31.39 -11.70
N THR C 92 -25.45 31.41 -12.72
CA THR C 92 -25.48 30.33 -13.71
C THR C 92 -24.63 29.16 -13.20
N ASP C 93 -24.61 28.06 -13.94
CA ASP C 93 -23.92 26.86 -13.49
C ASP C 93 -23.01 26.33 -14.59
N THR C 94 -21.97 25.60 -14.19
CA THR C 94 -20.93 25.20 -15.13
C THR C 94 -21.47 24.33 -16.27
N LEU C 95 -22.35 23.39 -15.95
CA LEU C 95 -22.90 22.52 -16.99
C LEU C 95 -24.21 23.01 -17.61
N GLN C 96 -24.86 24.00 -16.99
CA GLN C 96 -26.24 24.36 -17.35
C GLN C 96 -26.38 25.52 -18.35
N GLY C 97 -25.27 25.99 -18.89
CA GLY C 97 -25.34 27.00 -19.93
C GLY C 97 -25.94 28.31 -19.45
N GLN C 98 -26.90 28.83 -20.21
CA GLN C 98 -27.50 30.13 -19.93
C GLN C 98 -28.72 30.05 -19.01
N VAL C 99 -29.02 28.86 -18.50
CA VAL C 99 -30.14 28.71 -17.61
C VAL C 99 -29.69 28.85 -16.17
N PRO C 100 -30.08 29.97 -15.53
CA PRO C 100 -29.59 30.28 -14.19
C PRO C 100 -30.47 29.71 -13.09
N SER C 101 -30.07 29.93 -11.85
CA SER C 101 -30.81 29.50 -10.68
C SER C 101 -30.69 30.58 -9.62
N ALA C 102 -31.73 30.75 -8.81
CA ALA C 102 -31.76 31.82 -7.83
C ALA C 102 -32.25 31.34 -6.48
N GLN C 103 -31.66 31.87 -5.42
CA GLN C 103 -32.11 31.58 -4.06
C GLN C 103 -31.97 32.86 -3.26
N GLN C 104 -32.88 33.12 -2.33
CA GLN C 104 -32.65 34.24 -1.47
C GLN C 104 -32.12 33.66 -0.17
N ASP C 105 -30.80 33.51 -0.13
CA ASP C 105 -30.08 33.01 1.03
C ASP C 105 -28.65 33.49 0.88
N ALA C 106 -28.05 33.98 1.95
CA ALA C 106 -26.67 34.45 1.85
C ALA C 106 -25.73 33.27 1.62
N VAL C 107 -26.12 32.10 2.14
CA VAL C 107 -25.31 30.88 2.04
C VAL C 107 -25.12 30.44 0.58
N PHE C 108 -26.21 30.50 -0.19
CA PHE C 108 -26.17 30.23 -1.62
C PHE C 108 -25.14 31.13 -2.32
N GLU C 109 -25.07 32.39 -1.90
CA GLU C 109 -24.12 33.34 -2.45
C GLU C 109 -22.70 32.99 -2.05
N LEU C 110 -22.53 32.66 -0.78
CA LEU C 110 -21.24 32.25 -0.24
C LEU C 110 -20.71 31.04 -1.00
N ILE C 111 -21.54 30.02 -1.13
CA ILE C 111 -21.11 28.79 -1.78
C ILE C 111 -20.84 28.99 -3.27
N SER C 112 -21.73 29.74 -3.94
CA SER C 112 -21.60 29.96 -5.38
C SER C 112 -20.35 30.77 -5.71
N MET C 113 -20.12 31.84 -4.95
CA MET C 113 -18.96 32.68 -5.20
C MET C 113 -17.70 31.89 -4.90
N GLY C 114 -17.70 31.21 -3.76
CA GLY C 114 -16.56 30.42 -3.34
C GLY C 114 -16.27 29.31 -4.34
N PHE C 115 -17.32 28.83 -4.97
CA PHE C 115 -17.19 27.79 -5.98
C PHE C 115 -16.49 28.36 -7.20
N ASN C 116 -16.79 29.62 -7.51
CA ASN C 116 -16.21 30.31 -8.67
C ASN C 116 -14.74 30.66 -8.46
N VAL C 117 -14.37 30.90 -7.21
CA VAL C 117 -13.00 31.18 -6.86
C VAL C 117 -12.17 29.93 -7.12
N ALA C 118 -12.61 28.80 -6.56
CA ALA C 118 -11.92 27.53 -6.79
C ALA C 118 -11.78 27.28 -8.28
N LEU C 119 -12.89 27.42 -9.00
CA LEU C 119 -12.88 27.33 -10.45
C LEU C 119 -11.78 28.21 -11.02
N TRP C 120 -11.73 29.45 -10.57
CA TRP C 120 -10.73 30.37 -11.08
C TRP C 120 -9.30 29.85 -10.87
N TYR C 121 -9.09 29.11 -9.80
CA TYR C 121 -7.77 28.54 -9.51
C TYR C 121 -7.41 27.46 -10.51
N THR C 122 -8.35 26.60 -10.84
CA THR C 122 -8.09 25.59 -11.85
C THR C 122 -7.79 26.22 -13.22
N LYS C 123 -8.36 27.38 -13.49
CA LYS C 123 -8.15 28.04 -14.78
C LYS C 123 -6.81 28.77 -14.86
N TYR C 124 -6.46 29.45 -13.79
CA TYR C 124 -5.14 30.06 -13.69
C TYR C 124 -4.11 28.95 -13.85
N ALA C 125 -4.39 27.82 -13.20
CA ALA C 125 -3.52 26.65 -13.25
C ALA C 125 -3.31 26.09 -14.66
N SER C 126 -4.39 25.87 -15.40
CA SER C 126 -4.28 25.23 -16.71
C SER C 126 -3.77 26.22 -17.75
N ARG C 127 -4.03 27.49 -17.53
CA ARG C 127 -3.52 28.55 -18.39
C ARG C 127 -2.00 28.53 -18.35
N LEU C 128 -1.47 28.34 -17.14
CA LEU C 128 -0.04 28.28 -16.92
C LEU C 128 0.54 26.94 -17.39
N ALA C 129 -0.18 25.86 -17.09
CA ALA C 129 0.27 24.51 -17.43
C ALA C 129 0.41 24.27 -18.94
N GLY C 130 -0.26 25.08 -19.74
CA GLY C 130 -0.26 24.93 -21.18
C GLY C 130 0.86 25.65 -21.92
N LYS C 131 1.60 26.50 -21.21
CA LYS C 131 2.75 27.19 -21.80
C LYS C 131 3.84 26.19 -22.12
N GLU C 132 4.71 26.53 -23.09
CA GLU C 132 5.75 25.61 -23.52
C GLU C 132 6.95 25.51 -22.58
N ASN C 133 7.68 26.61 -22.42
CA ASN C 133 8.89 26.61 -21.60
C ASN C 133 8.66 25.92 -20.25
N ILE C 134 7.79 26.51 -19.43
CA ILE C 134 7.34 25.88 -18.18
C ILE C 134 8.47 25.52 -17.20
N THR C 135 9.02 26.53 -16.52
CA THR C 135 10.10 26.28 -15.57
C THR C 135 9.58 25.50 -14.36
N GLU C 136 10.45 25.16 -13.43
CA GLU C 136 10.04 24.37 -12.27
C GLU C 136 9.21 25.21 -11.29
N ASP C 137 9.52 26.50 -11.22
CA ASP C 137 8.79 27.40 -10.34
C ASP C 137 7.34 27.53 -10.76
N GLU C 138 7.12 27.56 -12.08
CA GLU C 138 5.78 27.64 -12.62
C GLU C 138 5.01 26.35 -12.39
N ALA C 139 5.72 25.22 -12.39
CA ALA C 139 5.10 23.92 -12.14
C ALA C 139 4.60 23.78 -10.71
N LYS C 140 5.37 24.30 -9.74
CA LYS C 140 4.91 24.29 -8.36
C LYS C 140 3.64 25.12 -8.25
N GLU C 141 3.65 26.26 -8.94
CA GLU C 141 2.53 27.19 -8.93
C GLU C 141 1.25 26.53 -9.45
N VAL C 142 1.37 25.79 -10.55
CA VAL C 142 0.24 25.05 -11.12
C VAL C 142 -0.22 23.97 -10.16
N HIS C 143 0.73 23.21 -9.65
CA HIS C 143 0.48 22.12 -8.71
C HIS C 143 -0.23 22.65 -7.46
N ARG C 144 0.25 23.79 -6.95
CA ARG C 144 -0.28 24.38 -5.72
C ARG C 144 -1.66 24.98 -5.94
N SER C 145 -1.82 25.70 -7.05
CA SER C 145 -3.13 26.24 -7.40
C SER C 145 -4.21 25.16 -7.44
N LEU C 146 -3.88 24.03 -8.05
CA LEU C 146 -4.84 22.93 -8.20
C LEU C 146 -5.23 22.34 -6.86
N LYS C 147 -4.32 22.39 -5.90
CA LYS C 147 -4.59 21.84 -4.58
C LYS C 147 -5.42 22.81 -3.74
N ILE C 148 -5.18 24.11 -3.95
CA ILE C 148 -6.00 25.11 -3.30
C ILE C 148 -7.45 24.98 -3.76
N ALA C 149 -7.64 24.90 -5.07
CA ALA C 149 -8.97 24.73 -5.63
C ALA C 149 -9.64 23.51 -5.00
N ALA C 150 -8.89 22.43 -4.86
CA ALA C 150 -9.41 21.20 -4.27
C ALA C 150 -9.92 21.45 -2.86
N GLY C 151 -9.11 22.13 -2.04
CA GLY C 151 -9.49 22.42 -0.67
C GLY C 151 -10.78 23.20 -0.56
N ILE C 152 -10.92 24.22 -1.39
CA ILE C 152 -12.14 25.02 -1.41
C ILE C 152 -13.38 24.20 -1.75
N PHE C 153 -13.31 23.45 -2.85
CA PHE C 153 -14.39 22.55 -3.23
C PHE C 153 -14.76 21.62 -2.08
N LYS C 154 -13.76 20.98 -1.49
CA LYS C 154 -13.99 20.02 -0.41
C LYS C 154 -14.63 20.68 0.80
N HIS C 155 -14.15 21.87 1.15
CA HIS C 155 -14.69 22.59 2.29
C HIS C 155 -16.13 23.03 2.04
N LEU C 156 -16.39 23.58 0.86
CA LEU C 156 -17.74 24.00 0.52
C LEU C 156 -18.70 22.82 0.68
N LYS C 157 -18.27 21.67 0.18
CA LYS C 157 -19.10 20.48 0.19
C LYS C 157 -19.48 19.99 1.58
N GLU C 158 -18.49 19.89 2.46
CA GLU C 158 -18.69 19.32 3.79
C GLU C 158 -19.24 20.26 4.86
N SER C 159 -18.74 21.49 4.90
CA SER C 159 -19.15 22.44 5.93
C SER C 159 -20.22 23.45 5.51
N HIS C 160 -20.66 23.38 4.26
CA HIS C 160 -21.54 24.43 3.73
C HIS C 160 -22.84 23.97 3.05
N LEU C 161 -22.71 23.13 2.04
CA LEU C 161 -23.89 22.57 1.37
C LEU C 161 -25.01 22.18 2.34
N PRO C 162 -24.67 21.52 3.46
CA PRO C 162 -25.72 21.10 4.39
C PRO C 162 -26.56 22.25 4.94
N LYS C 163 -25.95 23.43 5.08
CA LYS C 163 -26.66 24.61 5.58
C LYS C 163 -27.79 25.10 4.66
N LEU C 164 -27.70 24.80 3.37
CA LEU C 164 -28.69 25.30 2.41
C LEU C 164 -30.11 24.81 2.72
N ILE C 165 -31.07 25.73 2.65
CA ILE C 165 -32.47 25.41 2.86
C ILE C 165 -33.05 24.76 1.61
N THR C 166 -32.52 25.15 0.46
CA THR C 166 -32.99 24.63 -0.82
C THR C 166 -31.91 23.80 -1.51
N PRO C 167 -32.15 22.48 -1.60
CA PRO C 167 -31.21 21.61 -2.33
C PRO C 167 -31.17 22.01 -3.79
N ALA C 168 -30.00 21.92 -4.42
CA ALA C 168 -29.87 22.27 -5.85
C ALA C 168 -30.33 21.14 -6.77
N GLU C 169 -30.90 21.51 -7.91
CA GLU C 169 -31.32 20.52 -8.91
C GLU C 169 -30.12 19.66 -9.28
N LYS C 170 -30.36 18.39 -9.55
CA LYS C 170 -29.29 17.52 -10.03
C LYS C 170 -28.74 18.05 -11.35
N GLY C 171 -27.43 18.18 -11.43
CA GLY C 171 -26.80 18.75 -12.60
C GLY C 171 -26.27 20.16 -12.33
N ARG C 172 -26.51 20.67 -11.12
CA ARG C 172 -26.07 21.99 -10.71
C ARG C 172 -24.85 21.89 -9.81
N ASP C 173 -23.98 22.90 -9.89
CA ASP C 173 -22.72 22.93 -9.17
C ASP C 173 -22.86 22.66 -7.67
N LEU C 174 -24.00 23.02 -7.09
CA LEU C 174 -24.20 22.93 -5.65
C LEU C 174 -24.74 21.58 -5.21
N GLU C 175 -24.80 20.64 -6.14
CA GLU C 175 -25.12 19.26 -5.82
C GLU C 175 -23.83 18.54 -5.38
N SER C 176 -23.96 17.70 -4.35
CA SER C 176 -22.81 17.07 -3.71
C SER C 176 -21.89 16.29 -4.65
N ARG C 177 -22.49 15.48 -5.52
CA ARG C 177 -21.71 14.64 -6.41
C ARG C 177 -20.88 15.47 -7.37
N LEU C 178 -21.49 16.50 -7.94
CA LEU C 178 -20.77 17.39 -8.85
C LEU C 178 -19.53 18.00 -8.19
N ILE C 179 -19.67 18.45 -6.95
CA ILE C 179 -18.52 18.99 -6.24
C ILE C 179 -17.44 17.93 -6.02
N GLU C 180 -17.82 16.71 -5.64
CA GLU C 180 -16.83 15.64 -5.47
C GLU C 180 -16.03 15.43 -6.75
N ALA C 181 -16.70 15.46 -7.90
CA ALA C 181 -16.03 15.30 -9.17
C ALA C 181 -14.95 16.36 -9.37
N TYR C 182 -15.28 17.62 -9.11
CA TYR C 182 -14.28 18.69 -9.20
C TYR C 182 -13.09 18.46 -8.27
N VAL C 183 -13.36 17.99 -7.06
CA VAL C 183 -12.27 17.71 -6.14
C VAL C 183 -11.31 16.70 -6.76
N ILE C 184 -11.86 15.57 -7.21
CA ILE C 184 -11.08 14.48 -7.76
C ILE C 184 -10.30 14.86 -9.02
N GLN C 185 -10.91 15.66 -9.89
CA GLN C 185 -10.24 16.13 -11.09
C GLN C 185 -9.04 17.02 -10.74
N CYS C 186 -9.17 17.75 -9.64
CA CYS C 186 -8.11 18.65 -9.21
C CYS C 186 -6.92 17.89 -8.69
N GLN C 187 -7.19 16.80 -7.97
CA GLN C 187 -6.14 15.94 -7.48
C GLN C 187 -5.47 15.21 -8.63
N ALA C 188 -6.29 14.64 -9.50
CA ALA C 188 -5.78 13.93 -10.67
C ALA C 188 -4.89 14.85 -11.49
N GLU C 189 -5.29 16.11 -11.64
CA GLU C 189 -4.53 17.07 -12.44
C GLU C 189 -3.20 17.46 -11.79
N ALA C 190 -3.20 17.66 -10.48
CA ALA C 190 -1.97 17.96 -9.77
C ALA C 190 -0.99 16.79 -9.94
N GLN C 191 -1.53 15.58 -9.87
CA GLN C 191 -0.72 14.37 -10.04
C GLN C 191 -0.17 14.20 -11.46
N GLU C 192 -0.89 14.72 -12.46
CA GLU C 192 -0.36 14.75 -13.81
C GLU C 192 0.94 15.54 -13.82
N VAL C 193 0.93 16.68 -13.14
CA VAL C 193 2.08 17.57 -13.14
C VAL C 193 3.26 16.89 -12.46
N THR C 194 2.95 16.10 -11.43
CA THR C 194 3.98 15.37 -10.72
C THR C 194 4.50 14.22 -11.58
N ILE C 195 3.63 13.63 -12.39
CA ILE C 195 4.03 12.56 -13.29
C ILE C 195 5.02 13.05 -14.35
N ALA C 196 4.76 14.23 -14.91
CA ALA C 196 5.66 14.82 -15.89
C ALA C 196 7.01 15.14 -15.24
N ARG C 197 6.97 15.65 -14.02
CA ARG C 197 8.20 15.92 -13.29
C ARG C 197 8.97 14.63 -12.98
N ALA C 198 8.28 13.60 -12.52
CA ALA C 198 8.92 12.32 -12.23
C ALA C 198 9.62 11.76 -13.47
N ILE C 199 9.01 11.98 -14.63
CA ILE C 199 9.55 11.46 -15.87
C ILE C 199 10.79 12.22 -16.34
N GLU C 200 10.75 13.55 -16.26
CA GLU C 200 11.92 14.32 -16.69
C GLU C 200 13.09 14.13 -15.73
N LEU C 201 12.79 13.94 -14.44
CA LEU C 201 13.82 13.66 -13.44
C LEU C 201 14.33 12.22 -13.52
N LYS C 202 13.67 11.40 -14.33
CA LYS C 202 14.11 10.01 -14.50
C LYS C 202 14.02 9.18 -13.22
N HIS C 203 12.89 9.29 -12.51
CA HIS C 203 12.67 8.48 -11.32
C HIS C 203 12.42 7.04 -11.72
N ALA C 204 12.26 6.17 -10.74
CA ALA C 204 12.08 4.74 -11.01
C ALA C 204 10.80 4.45 -11.78
N PRO C 205 10.84 3.48 -12.69
CA PRO C 205 9.67 3.11 -13.49
C PRO C 205 8.49 2.71 -12.61
N GLY C 206 8.76 1.93 -11.56
CA GLY C 206 7.72 1.51 -10.65
C GLY C 206 7.00 2.68 -9.98
N LEU C 207 7.78 3.69 -9.62
CA LEU C 207 7.19 4.89 -9.04
C LEU C 207 6.26 5.57 -10.05
N ILE C 208 6.74 5.76 -11.27
CA ILE C 208 5.94 6.41 -12.31
C ILE C 208 4.73 5.55 -12.71
N ALA C 209 4.92 4.24 -12.78
CA ALA C 209 3.84 3.32 -13.12
C ALA C 209 2.73 3.37 -12.07
N ALA C 210 3.12 3.38 -10.81
CA ALA C 210 2.14 3.43 -9.72
C ALA C 210 1.37 4.76 -9.75
N LEU C 211 2.10 5.85 -9.96
CA LEU C 211 1.45 7.17 -9.99
C LEU C 211 0.52 7.30 -11.19
N ALA C 212 0.95 6.82 -12.36
CA ALA C 212 0.10 6.87 -13.53
C ALA C 212 -1.19 6.07 -13.30
N TYR C 213 -1.05 4.89 -12.69
CA TYR C 213 -2.20 4.03 -12.46
C TYR C 213 -3.19 4.60 -11.45
N GLU C 214 -2.68 5.20 -10.38
CA GLU C 214 -3.53 5.85 -9.38
C GLU C 214 -4.26 7.03 -10.00
N THR C 215 -3.58 7.74 -10.89
CA THR C 215 -4.16 8.90 -11.56
C THR C 215 -5.32 8.49 -12.46
N ALA C 216 -5.14 7.40 -13.20
CA ALA C 216 -6.20 6.90 -14.06
C ALA C 216 -7.42 6.47 -13.25
N ASN C 217 -7.19 5.99 -12.02
CA ASN C 217 -8.30 5.58 -11.15
C ASN C 217 -9.12 6.76 -10.66
N PHE C 218 -8.45 7.89 -10.43
CA PHE C 218 -9.15 9.11 -10.03
C PHE C 218 -10.10 9.55 -11.14
N TYR C 219 -9.60 9.57 -12.38
CA TYR C 219 -10.44 9.94 -13.51
C TYR C 219 -11.63 9.00 -13.64
N GLN C 220 -11.39 7.71 -13.43
CA GLN C 220 -12.44 6.70 -13.52
C GLN C 220 -13.49 6.93 -12.43
N LYS C 221 -13.03 7.36 -11.26
CA LYS C 221 -13.90 7.62 -10.12
C LYS C 221 -14.69 8.91 -10.35
N ALA C 222 -14.03 9.93 -10.87
CA ALA C 222 -14.70 11.18 -11.20
C ALA C 222 -15.80 10.89 -12.21
N ASP C 223 -15.48 10.04 -13.16
CA ASP C 223 -16.43 9.65 -14.21
C ASP C 223 -17.61 8.89 -13.61
N HIS C 224 -17.32 8.00 -12.67
CA HIS C 224 -18.37 7.25 -12.01
C HIS C 224 -19.25 8.18 -11.19
N THR C 225 -18.69 9.32 -10.79
CA THR C 225 -19.44 10.27 -9.98
C THR C 225 -20.42 11.05 -10.84
N LEU C 226 -20.04 11.31 -12.08
CA LEU C 226 -20.87 12.07 -12.99
C LEU C 226 -21.82 11.15 -13.77
N SER C 227 -21.73 9.85 -13.49
CA SER C 227 -22.52 8.87 -14.23
C SER C 227 -24.00 9.00 -13.90
N SER C 228 -24.28 9.54 -12.71
CA SER C 228 -25.64 9.67 -12.22
C SER C 228 -26.36 10.89 -12.80
N LEU C 229 -25.65 11.64 -13.65
CA LEU C 229 -26.25 12.84 -14.25
C LEU C 229 -26.85 12.52 -15.61
N GLU C 230 -27.35 13.57 -16.27
CA GLU C 230 -27.96 13.43 -17.58
C GLU C 230 -26.95 13.64 -18.69
N PRO C 231 -26.95 12.74 -19.68
CA PRO C 231 -26.00 12.70 -20.81
C PRO C 231 -25.93 14.00 -21.62
N ALA C 232 -27.04 14.73 -21.72
CA ALA C 232 -27.05 15.94 -22.54
C ALA C 232 -25.95 16.91 -22.10
N TYR C 233 -25.98 17.30 -20.83
CA TYR C 233 -24.98 18.23 -20.30
C TYR C 233 -23.65 17.58 -19.88
N SER C 234 -23.71 16.34 -19.39
CA SER C 234 -22.55 15.71 -18.78
C SER C 234 -21.73 14.82 -19.70
N ALA C 235 -22.17 14.65 -20.95
CA ALA C 235 -21.53 13.67 -21.82
C ALA C 235 -20.11 14.06 -22.21
N LYS C 236 -19.92 15.29 -22.67
CA LYS C 236 -18.60 15.73 -23.14
C LYS C 236 -17.56 15.58 -22.04
N TRP C 237 -17.86 16.12 -20.87
CA TRP C 237 -16.97 16.01 -19.73
C TRP C 237 -16.57 14.56 -19.47
N ARG C 238 -17.55 13.68 -19.35
CA ARG C 238 -17.28 12.28 -19.06
C ARG C 238 -16.40 11.62 -20.12
N LYS C 239 -16.49 12.09 -21.36
CA LYS C 239 -15.68 11.54 -22.43
C LYS C 239 -14.21 11.89 -22.20
N TYR C 240 -13.99 13.14 -21.78
CA TYR C 240 -12.66 13.62 -21.45
C TYR C 240 -12.03 12.83 -20.30
N LEU C 241 -12.85 12.50 -19.31
CA LEU C 241 -12.37 11.72 -18.16
C LEU C 241 -11.99 10.32 -18.62
N HIS C 242 -12.85 9.71 -19.44
CA HIS C 242 -12.57 8.40 -19.99
C HIS C 242 -11.29 8.41 -20.82
N LEU C 243 -11.11 9.48 -21.59
CA LEU C 243 -9.93 9.65 -22.42
C LEU C 243 -8.66 9.74 -21.55
N LYS C 244 -8.70 10.60 -20.54
CA LYS C 244 -7.59 10.71 -19.59
C LYS C 244 -7.26 9.35 -19.01
N MET C 245 -8.30 8.60 -18.67
CA MET C 245 -8.12 7.28 -18.09
C MET C 245 -7.33 6.36 -19.02
N CYS C 246 -7.62 6.41 -20.31
CA CYS C 246 -6.89 5.59 -21.28
C CYS C 246 -5.44 6.06 -21.40
N PHE C 247 -5.27 7.37 -21.48
CA PHE C 247 -3.95 7.98 -21.54
C PHE C 247 -3.05 7.45 -20.40
N TYR C 248 -3.53 7.55 -19.17
CA TYR C 248 -2.71 7.16 -18.02
C TYR C 248 -2.66 5.67 -17.71
N THR C 249 -3.62 4.90 -18.22
CA THR C 249 -3.50 3.46 -18.18
C THR C 249 -2.39 3.02 -19.14
N ALA C 250 -2.26 3.75 -20.25
CA ALA C 250 -1.22 3.46 -21.23
C ALA C 250 0.17 3.76 -20.68
N TYR C 251 0.29 4.82 -19.88
CA TYR C 251 1.55 5.15 -19.23
C TYR C 251 1.95 4.10 -18.20
N ALA C 252 0.99 3.65 -17.40
CA ALA C 252 1.26 2.65 -16.39
C ALA C 252 1.82 1.38 -17.05
N TYR C 253 1.16 0.95 -18.12
CA TYR C 253 1.60 -0.26 -18.82
C TYR C 253 2.98 -0.07 -19.43
N CYS C 254 3.25 1.12 -19.94
CA CYS C 254 4.55 1.40 -20.50
C CYS C 254 5.65 1.18 -19.45
N TYR C 255 5.51 1.84 -18.30
CA TYR C 255 6.52 1.78 -17.25
C TYR C 255 6.50 0.50 -16.40
N HIS C 256 5.37 -0.21 -16.44
CA HIS C 256 5.33 -1.53 -15.82
C HIS C 256 6.22 -2.48 -16.62
N GLY C 257 6.14 -2.37 -17.94
CA GLY C 257 6.93 -3.18 -18.84
C GLY C 257 8.42 -3.08 -18.57
N GLU C 258 8.89 -1.87 -18.27
CA GLU C 258 10.29 -1.68 -17.91
C GLU C 258 10.61 -2.42 -16.62
N THR C 259 9.63 -2.54 -15.74
CA THR C 259 9.79 -3.27 -14.50
C THR C 259 9.94 -4.75 -14.80
N LEU C 260 9.03 -5.27 -15.61
CA LEU C 260 9.03 -6.68 -16.02
C LEU C 260 10.30 -7.03 -16.79
N LEU C 261 10.82 -6.07 -17.55
CA LEU C 261 12.04 -6.29 -18.30
C LEU C 261 13.24 -6.46 -17.36
N ALA C 262 13.32 -5.59 -16.35
CA ALA C 262 14.42 -5.62 -15.39
C ALA C 262 14.38 -6.89 -14.55
N SER C 263 13.20 -7.50 -14.46
CA SER C 263 13.04 -8.75 -13.73
C SER C 263 13.21 -9.94 -14.67
N ASP C 264 13.59 -9.65 -15.91
CA ASP C 264 13.88 -10.67 -16.91
C ASP C 264 12.67 -11.50 -17.30
N LYS C 265 11.49 -10.87 -17.35
CA LYS C 265 10.35 -11.55 -17.93
C LYS C 265 10.07 -10.88 -19.26
N CYS C 266 10.51 -11.53 -20.34
CA CYS C 266 10.53 -10.92 -21.66
C CYS C 266 9.16 -10.94 -22.32
N GLY C 267 8.51 -12.10 -22.29
CA GLY C 267 7.19 -12.25 -22.86
C GLY C 267 6.18 -11.36 -22.19
N GLU C 268 6.20 -11.35 -20.87
CA GLU C 268 5.31 -10.49 -20.08
C GLU C 268 5.56 -9.02 -20.38
N ALA C 269 6.83 -8.62 -20.47
CA ALA C 269 7.19 -7.24 -20.79
C ALA C 269 6.72 -6.83 -22.20
N ILE C 270 6.99 -7.68 -23.18
CA ILE C 270 6.50 -7.47 -24.54
C ILE C 270 4.98 -7.26 -24.54
N ARG C 271 4.26 -8.20 -23.93
CA ARG C 271 2.81 -8.13 -23.87
C ARG C 271 2.37 -6.81 -23.24
N SER C 272 3.05 -6.41 -22.18
CA SER C 272 2.72 -5.19 -21.46
C SER C 272 2.98 -3.92 -22.29
N LEU C 273 4.04 -3.94 -23.11
CA LEU C 273 4.33 -2.82 -24.00
C LEU C 273 3.32 -2.74 -25.14
N GLN C 274 2.89 -3.90 -25.62
CA GLN C 274 1.88 -3.96 -26.67
C GLN C 274 0.61 -3.33 -26.14
N GLU C 275 0.28 -3.62 -24.89
CA GLU C 275 -0.91 -3.07 -24.28
C GLU C 275 -0.82 -1.55 -24.19
N ALA C 276 0.31 -1.04 -23.72
CA ALA C 276 0.52 0.41 -23.64
C ALA C 276 0.22 1.08 -24.99
N GLU C 277 0.84 0.57 -26.05
CA GLU C 277 0.69 1.16 -27.38
C GLU C 277 -0.74 1.03 -27.91
N LYS C 278 -1.39 -0.09 -27.60
CA LYS C 278 -2.77 -0.28 -27.99
C LYS C 278 -3.65 0.77 -27.30
N LEU C 279 -3.60 0.79 -25.97
CA LEU C 279 -4.43 1.71 -25.18
C LEU C 279 -4.26 3.15 -25.62
N TYR C 280 -3.03 3.54 -25.92
CA TYR C 280 -2.75 4.91 -26.36
C TYR C 280 -3.39 5.18 -27.72
N ALA C 281 -3.44 4.16 -28.58
CA ALA C 281 -4.08 4.28 -29.87
C ALA C 281 -5.60 4.42 -29.72
N LYS C 282 -6.18 3.66 -28.81
CA LYS C 282 -7.59 3.78 -28.48
C LYS C 282 -7.86 5.13 -27.80
N ALA C 283 -6.87 5.63 -27.08
CA ALA C 283 -6.97 6.94 -26.45
C ALA C 283 -7.00 8.02 -27.53
N GLU C 284 -6.34 7.76 -28.65
CA GLU C 284 -6.35 8.70 -29.75
C GLU C 284 -7.69 8.59 -30.49
N ALA C 285 -8.41 7.50 -30.24
CA ALA C 285 -9.75 7.32 -30.78
C ALA C 285 -10.74 8.14 -29.95
N LEU C 286 -10.82 7.81 -28.66
CA LEU C 286 -11.69 8.51 -27.74
C LEU C 286 -11.46 10.02 -27.80
N CYS C 287 -10.25 10.43 -28.17
CA CYS C 287 -9.92 11.85 -28.27
C CYS C 287 -10.77 12.54 -29.33
N LYS C 288 -11.05 11.84 -30.42
CA LYS C 288 -11.86 12.41 -31.50
C LYS C 288 -13.35 12.38 -31.20
N GLU C 289 -13.80 11.32 -30.55
CA GLU C 289 -15.19 11.27 -30.06
C GLU C 289 -15.43 12.42 -29.10
N TYR C 290 -14.43 12.73 -28.29
CA TYR C 290 -14.48 13.84 -27.35
C TYR C 290 -14.63 15.19 -28.07
N GLY C 291 -13.81 15.40 -29.11
CA GLY C 291 -13.86 16.63 -29.87
C GLY C 291 -15.13 16.78 -30.68
N GLU C 292 -15.79 15.65 -30.93
CA GLU C 292 -17.04 15.64 -31.68
C GLU C 292 -18.30 15.56 -30.80
N THR C 293 -18.12 15.49 -29.49
CA THR C 293 -19.24 15.37 -28.55
C THR C 293 -19.71 16.72 -28.03
N LYS C 294 -20.98 17.04 -28.25
CA LYS C 294 -21.54 18.33 -27.83
C LYS C 294 -21.57 18.48 -26.31
N GLY C 295 -21.03 19.57 -25.80
CA GLY C 295 -21.00 19.80 -24.36
C GLY C 295 -20.33 21.08 -23.90
N PRO C 296 -20.54 21.45 -22.63
CA PRO C 296 -20.01 22.69 -22.05
C PRO C 296 -18.49 22.70 -22.03
N GLY C 297 -17.92 23.88 -22.34
CA GLY C 297 -16.48 24.06 -22.32
C GLY C 297 -15.82 23.69 -23.63
N PRO C 298 -14.73 24.38 -23.97
CA PRO C 298 -14.03 24.15 -25.24
C PRO C 298 -13.30 22.81 -25.27
N THR C 299 -12.92 22.37 -26.47
CA THR C 299 -12.23 21.10 -26.65
C THR C 299 -10.71 21.26 -26.61
N VAL C 300 -10.04 20.40 -25.84
CA VAL C 300 -8.58 20.47 -25.70
C VAL C 300 -7.89 19.29 -26.37
N LYS C 301 -6.64 19.51 -26.81
CA LYS C 301 -5.88 18.50 -27.54
C LYS C 301 -4.58 18.20 -26.81
N PRO C 302 -4.22 16.91 -26.71
CA PRO C 302 -2.94 16.50 -26.11
C PRO C 302 -1.69 16.89 -26.89
N SER C 303 -1.68 16.66 -28.20
CA SER C 303 -0.48 16.81 -29.00
C SER C 303 0.68 16.16 -28.27
N GLY C 304 1.85 16.80 -28.28
CA GLY C 304 2.84 16.63 -27.23
C GLY C 304 3.14 15.21 -26.76
N HIS C 305 3.52 14.30 -27.64
CA HIS C 305 3.69 12.92 -27.19
C HIS C 305 5.12 12.63 -26.72
N LEU C 306 5.27 12.48 -25.41
CA LEU C 306 6.52 12.10 -24.78
C LEU C 306 6.45 10.61 -24.51
N PHE C 307 5.28 10.05 -24.83
CA PHE C 307 5.01 8.64 -24.65
C PHE C 307 5.83 7.82 -25.63
N PHE C 308 5.74 8.17 -26.91
CA PHE C 308 6.43 7.43 -27.95
C PHE C 308 7.94 7.52 -27.81
N ARG C 309 8.43 8.57 -27.16
CA ARG C 309 9.85 8.69 -26.92
C ARG C 309 10.29 7.58 -25.98
N LYS C 310 9.56 7.41 -24.88
CA LYS C 310 9.87 6.37 -23.90
C LYS C 310 9.63 4.97 -24.48
N LEU C 311 8.54 4.82 -25.23
CA LEU C 311 8.19 3.52 -25.78
C LEU C 311 9.27 3.03 -26.73
N GLY C 312 9.70 3.89 -27.65
CA GLY C 312 10.75 3.53 -28.58
C GLY C 312 12.01 3.07 -27.87
N ASN C 313 12.27 3.68 -26.72
CA ASN C 313 13.44 3.33 -25.93
C ASN C 313 13.28 1.96 -25.29
N LEU C 314 12.10 1.73 -24.71
CA LEU C 314 11.78 0.43 -24.12
C LEU C 314 11.75 -0.67 -25.15
N VAL C 315 11.15 -0.41 -26.31
CA VAL C 315 11.06 -1.41 -27.35
C VAL C 315 12.45 -1.87 -27.79
N LYS C 316 13.32 -0.93 -28.16
CA LYS C 316 14.65 -1.31 -28.62
C LYS C 316 15.41 -2.12 -27.56
N ASN C 317 15.33 -1.69 -26.31
CA ASN C 317 16.02 -2.40 -25.23
C ASN C 317 15.41 -3.78 -24.98
N THR C 318 14.11 -3.91 -25.24
CA THR C 318 13.42 -5.18 -25.02
C THR C 318 13.67 -6.16 -26.15
N LEU C 319 13.70 -5.64 -27.37
CA LEU C 319 13.94 -6.48 -28.54
C LEU C 319 15.37 -6.99 -28.54
N GLU C 320 16.30 -6.13 -28.17
CA GLU C 320 17.71 -6.51 -28.10
C GLU C 320 17.90 -7.59 -27.04
N LYS C 321 17.20 -7.43 -25.91
CA LYS C 321 17.32 -8.37 -24.81
C LYS C 321 16.51 -9.66 -25.00
N CYS C 322 15.30 -9.52 -25.56
CA CYS C 322 14.37 -10.65 -25.62
C CYS C 322 14.31 -11.42 -26.94
N GLN C 323 15.04 -10.98 -27.95
CA GLN C 323 15.02 -11.73 -29.21
C GLN C 323 15.74 -13.03 -28.92
N ARG C 324 15.80 -13.93 -29.91
CA ARG C 324 16.49 -15.19 -29.69
C ARG C 324 15.74 -15.98 -28.63
N GLU C 325 14.69 -15.37 -28.09
CA GLU C 325 13.81 -16.01 -27.13
C GLU C 325 12.36 -15.89 -27.60
N ASN C 326 11.89 -14.65 -27.72
CA ASN C 326 10.53 -14.41 -28.19
C ASN C 326 10.41 -14.07 -29.68
N GLY C 327 11.54 -13.93 -30.36
CA GLY C 327 11.52 -13.65 -31.79
C GLY C 327 11.83 -12.21 -32.17
N PHE C 328 12.05 -11.96 -33.45
CA PHE C 328 12.48 -10.63 -33.90
C PHE C 328 11.32 -9.68 -34.16
N ILE C 329 10.63 -9.86 -35.28
CA ILE C 329 9.41 -9.08 -35.52
C ILE C 329 8.11 -9.90 -35.36
N TYR C 330 8.24 -11.22 -35.26
CA TYR C 330 7.10 -12.09 -35.06
C TYR C 330 7.23 -12.80 -33.72
N PHE C 331 6.42 -12.39 -32.75
CA PHE C 331 6.66 -12.74 -31.36
C PHE C 331 5.98 -14.02 -30.91
N GLN C 332 6.76 -14.85 -30.21
CA GLN C 332 6.28 -16.14 -29.76
C GLN C 332 6.37 -16.24 -28.25
N LYS C 333 5.54 -17.08 -27.66
CA LYS C 333 5.54 -17.30 -26.23
C LYS C 333 5.13 -16.04 -25.45
N ILE C 334 4.18 -15.30 -26.01
CA ILE C 334 3.61 -14.12 -25.37
C ILE C 334 2.34 -14.49 -24.63
N PRO C 335 2.21 -14.03 -23.37
CA PRO C 335 0.94 -14.21 -22.65
C PRO C 335 -0.23 -13.69 -23.47
N THR C 336 -1.37 -14.39 -23.44
CA THR C 336 -2.52 -13.99 -24.22
C THR C 336 -3.22 -12.76 -23.61
N GLU C 337 -3.04 -12.56 -22.31
CA GLU C 337 -3.64 -11.41 -21.61
C GLU C 337 -2.59 -10.44 -21.10
N ALA C 338 -2.97 -9.16 -21.01
CA ALA C 338 -2.14 -8.16 -20.36
C ALA C 338 -2.11 -8.43 -18.86
N PRO C 339 -1.00 -8.08 -18.20
CA PRO C 339 -0.92 -8.22 -16.74
C PRO C 339 -1.99 -7.37 -16.09
N GLN C 340 -2.60 -7.87 -15.01
CA GLN C 340 -3.63 -7.10 -14.32
C GLN C 340 -3.01 -6.19 -13.28
N LEU C 341 -3.18 -4.88 -13.47
CA LEU C 341 -2.46 -3.91 -12.66
C LEU C 341 -3.08 -3.70 -11.29
N GLU C 342 -2.27 -3.97 -10.27
CA GLU C 342 -2.57 -3.54 -8.93
C GLU C 342 -1.29 -2.85 -8.47
N LEU C 343 -1.35 -1.53 -8.31
CA LEU C 343 -0.15 -0.77 -8.01
C LEU C 343 -0.41 0.24 -6.91
N LYS C 344 0.50 0.29 -5.94
CA LYS C 344 0.35 1.20 -4.82
C LYS C 344 1.33 2.35 -4.96
N ALA C 345 0.80 3.57 -5.08
CA ALA C 345 1.66 4.73 -5.22
C ALA C 345 2.02 5.25 -3.84
N ASN C 346 3.31 5.17 -3.51
CA ASN C 346 3.82 5.63 -2.23
C ASN C 346 4.34 7.07 -2.32
N TYR C 347 4.40 7.58 -3.54
CA TYR C 347 4.98 8.88 -3.79
C TYR C 347 4.19 9.63 -4.86
N GLY C 348 3.87 10.89 -4.59
CA GLY C 348 3.23 11.73 -5.59
C GLY C 348 1.75 11.99 -5.42
N LEU C 349 1.06 11.19 -4.61
CA LEU C 349 -0.37 11.37 -4.40
C LEU C 349 -0.66 12.72 -3.74
N VAL C 350 -1.79 13.32 -4.11
CA VAL C 350 -2.07 14.70 -3.74
C VAL C 350 -3.26 14.85 -2.80
N GLU C 351 -3.02 15.49 -1.66
CA GLU C 351 -4.09 15.93 -0.76
C GLU C 351 -4.52 17.37 -1.05
N PRO C 352 -5.81 17.65 -0.95
CA PRO C 352 -6.26 19.05 -1.05
C PRO C 352 -5.78 19.86 0.15
N ILE C 353 -5.32 21.08 -0.09
CA ILE C 353 -4.94 21.99 0.98
C ILE C 353 -6.17 22.47 1.75
N PRO C 354 -6.21 22.20 3.07
CA PRO C 354 -7.36 22.58 3.90
C PRO C 354 -7.69 24.06 3.74
N PHE C 355 -8.96 24.37 3.57
CA PHE C 355 -9.38 25.74 3.35
C PHE C 355 -10.41 26.24 4.38
N GLU C 356 -10.34 27.53 4.68
CA GLU C 356 -11.33 28.17 5.54
C GLU C 356 -11.59 29.60 5.10
N PHE C 357 -12.84 30.04 5.24
CA PHE C 357 -13.19 31.43 4.97
C PHE C 357 -12.60 32.31 6.06
N PRO C 358 -12.35 33.58 5.75
CA PRO C 358 -11.83 34.48 6.77
C PRO C 358 -12.91 34.75 7.82
N PRO C 359 -12.51 35.16 9.03
CA PRO C 359 -13.50 35.48 10.06
C PRO C 359 -14.28 36.74 9.64
N THR C 360 -15.48 36.90 10.19
CA THR C 360 -16.33 38.04 9.87
C THR C 360 -15.58 39.37 10.06
N SER C 361 -15.78 40.29 9.14
CA SER C 361 -15.14 41.59 9.20
C SER C 361 -15.46 42.32 10.49
N VAL C 362 -14.45 42.90 11.13
CA VAL C 362 -14.66 43.69 12.34
C VAL C 362 -15.57 44.87 12.05
N GLN C 363 -15.69 45.21 10.77
CA GLN C 363 -16.58 46.29 10.35
C GLN C 363 -18.04 45.97 10.72
N TRP C 364 -18.30 44.70 11.05
CA TRP C 364 -19.63 44.33 11.51
C TRP C 364 -19.67 44.44 13.02
N THR C 365 -20.39 45.46 13.50
CA THR C 365 -20.54 45.69 14.92
C THR C 365 -22.03 45.64 15.23
N PRO C 366 -22.38 45.40 16.49
CA PRO C 366 -23.80 45.36 16.83
C PRO C 366 -24.48 46.68 16.46
N GLU C 367 -23.76 47.78 16.60
CA GLU C 367 -24.31 49.08 16.21
C GLU C 367 -24.66 49.09 14.74
N THR C 368 -23.69 48.72 13.90
CA THR C 368 -23.90 48.63 12.46
C THR C 368 -25.08 47.72 12.16
N LEU C 369 -25.04 46.52 12.73
CA LEU C 369 -26.07 45.52 12.52
C LEU C 369 -27.45 46.04 12.98
N ALA C 370 -27.46 46.80 14.07
CA ALA C 370 -28.71 47.34 14.62
C ALA C 370 -29.34 48.37 13.70
N ALA C 371 -28.52 49.02 12.89
CA ALA C 371 -28.97 50.04 11.95
C ALA C 371 -29.72 49.40 10.77
N PHE C 372 -29.73 48.07 10.73
CA PHE C 372 -30.56 47.37 9.77
C PHE C 372 -31.90 47.08 10.43
N ASP C 373 -32.93 47.74 9.94
CA ASP C 373 -34.26 47.60 10.51
C ASP C 373 -35.20 47.05 9.44
N LEU C 374 -35.69 45.83 9.62
CA LEU C 374 -36.53 45.19 8.61
C LEU C 374 -38.02 45.32 8.94
N THR C 375 -38.70 46.16 8.17
CA THR C 375 -40.13 46.44 8.33
C THR C 375 -40.57 47.41 7.23
N THR D 1 11.64 17.79 4.07
CA THR D 1 10.43 17.06 4.38
C THR D 1 10.65 15.55 4.26
N LYS D 2 10.18 14.79 5.26
CA LYS D 2 10.27 13.35 5.22
C LYS D 2 8.88 12.72 5.28
N ASN D 3 8.70 11.57 4.64
CA ASN D 3 7.43 10.87 4.77
C ASN D 3 7.43 9.94 6.00
N LYS D 4 6.34 9.19 6.18
CA LYS D 4 6.19 8.37 7.38
C LYS D 4 7.31 7.34 7.56
N ASP D 5 7.93 6.92 6.46
CA ASP D 5 9.00 5.94 6.52
C ASP D 5 10.38 6.58 6.70
N GLY D 6 10.40 7.91 6.79
CA GLY D 6 11.65 8.63 7.00
C GLY D 6 12.41 8.94 5.72
N VAL D 7 11.72 8.88 4.59
CA VAL D 7 12.34 9.18 3.31
C VAL D 7 12.22 10.66 2.97
N LEU D 8 13.36 11.29 2.64
CA LEU D 8 13.38 12.67 2.21
C LEU D 8 12.57 12.83 0.94
N VAL D 9 11.73 13.85 0.91
CA VAL D 9 10.79 14.05 -0.18
C VAL D 9 10.84 15.50 -0.65
N ASP D 10 10.46 15.75 -1.89
CA ASP D 10 10.49 17.11 -2.41
C ASP D 10 9.13 17.79 -2.37
N GLU D 11 9.08 19.00 -2.92
CA GLU D 11 7.85 19.79 -2.97
C GLU D 11 6.68 19.00 -3.56
N PHE D 12 6.96 18.12 -4.51
CA PHE D 12 5.89 17.39 -5.19
C PHE D 12 5.59 16.02 -4.56
N GLY D 13 6.33 15.65 -3.52
CA GLY D 13 6.09 14.39 -2.83
C GLY D 13 6.93 13.25 -3.36
N LEU D 14 7.83 13.57 -4.29
CA LEU D 14 8.74 12.59 -4.88
C LEU D 14 10.00 12.45 -4.02
N PRO D 15 10.61 11.26 -4.01
CA PRO D 15 11.82 11.05 -3.23
C PRO D 15 12.90 12.04 -3.62
N GLN D 16 13.50 12.70 -2.63
CA GLN D 16 14.60 13.63 -2.87
C GLN D 16 15.88 12.82 -2.90
N ILE D 17 16.57 12.85 -4.04
CA ILE D 17 17.77 12.03 -4.22
C ILE D 17 19.01 12.87 -4.53
C1 GOL E . -10.53 -0.65 22.79
O1 GOL E . -10.70 -0.84 21.40
C2 GOL E . -10.16 -1.96 23.48
O2 GOL E . -9.93 -2.93 22.49
C3 GOL E . -11.29 -2.42 24.38
O3 GOL E . -11.42 -1.57 25.51
C1 GOL F . -5.43 -6.40 16.11
O1 GOL F . -4.16 -5.98 15.66
C2 GOL F . -6.29 -5.21 16.53
O2 GOL F . -5.98 -4.08 15.75
C3 GOL F . -6.05 -4.89 18.00
O3 GOL F . -6.31 -6.03 18.80
C1 GOL G . 1.32 -12.41 -33.78
O1 GOL G . 0.42 -13.05 -32.89
C2 GOL G . 2.71 -12.42 -33.16
O2 GOL G . 2.63 -13.10 -31.93
C3 GOL G . 3.18 -10.98 -32.93
O3 GOL G . 3.91 -10.52 -34.04
#